data_1TK5
#
_entry.id   1TK5
#
_cell.length_a   105.310
_cell.length_b   213.265
_cell.length_c   52.181
_cell.angle_alpha   90.00
_cell.angle_beta   90.00
_cell.angle_gamma   90.00
#
_symmetry.space_group_name_H-M   'P 21 21 2'
#
loop_
_entity.id
_entity.type
_entity.pdbx_description
1 polymer "5'-D(*CP*GP*AP*AP*A*GP*CP*CP*AP*GP*TP*GP*CP*CP*AP*(DDG)P*TP*GP*CP*AP*A)-3'"
2 polymer "5'-D(*CP*CP*CP*(8OG)P*CP*TP*GP*GP*CP*AP*CP*TP*GP*GP*CP*CP*GP*TP*CP*GP*TP*TP*TP*TP*CP*G)-3'"
3 polymer 'DNA polymerase'
4 polymer 'Thioredoxin 1'
5 non-polymer 'MAGNESIUM ION'
6 non-polymer 'SULFATE ION'
7 non-polymer '2-(N-MORPHOLINO)-ETHANESULFONIC ACID'
8 non-polymer 'PENTAETHYLENE GLYCOL'
9 water water
#
loop_
_entity_poly.entity_id
_entity_poly.type
_entity_poly.pdbx_seq_one_letter_code
_entity_poly.pdbx_strand_id
1 'polydeoxyribonucleotide'
;(DC)(DG)(DA)(DA)(DA)(DA)(DC)(DG)(DA)(DC)(DG)(DG)(DC)(DC)(DA)(DG)(DT)(DG)(DC)(DC)
(DA)(DDG)
;
P
2 'polydeoxyribonucleotide'
;(DC)(DC)(DC)(8OG)(DC)(DT)(DG)(DG)(DC)(DA)(DC)(DT)(DG)(DG)(DC)(DC)(DG)(DT)(DC)
(DG)(DT)(DT)(DT)(DT)(DC)(DG)
;
T
3 'polypeptide(L)'
;MIVSDIEANALLESVTKFHCGVIYDYSTAEYVSYRPSDFGAYLDALEAEVARGGLIVFHNGHKYDVPALTKLAKLQLNRE
FHLPRENCIDTLVLSRLIHSNLKDTDMGLLRSGKLPGALEAWGYRLGEMKGEYKDDFKRMLEEQGEEYVDGMEWWNFNEE
MMDYNVQDVVVTKALLEKLLSDKHYFPPEIDFTDVGYTTFWSESLEAVDIEHRAAWLLAKQERNGFPFDTKAIEELYVEL
AARRSELLRKLTETFGSWYQPKGGTEMFCHPRTGKPLPKYPRIKTPKVGGIFKKPKNKAQREGREPCELDTREYVAGAPY
TPVEHVVFNPSSRDHIQKKLQEAGWVPTKYTDKGAPVVDDEVLEGVRVDDPEKQAAIDLIKEYLMIQKRIGQSAEGDKAW
LRYVAEDGKIHGSVNPNGAVTGRATHAFPNLAQIPGVRSPYGEQCRAAFGAEHHLDGITGKPWVQAGIDASGLELRCLAH
FMARFDNGEYAHEILNGDIHTKNQIAAELPTRDNAKTFIYGFLYGAGDEKIGQIVGAGKERGKELKKKFLENTPAIAALR
ESIQQTLVESSQWVAGEQQVKWKRRWIKGLDGRKVHVRSPHAALNTLLQSAGALICKLWIIKTEEMLVEKGLKHGWDGDF
AYMAWVHDEIQVGCRTEEIAQVVIETAQEAMRWVGDHWNFRCLLDTEGKMGPNWAICH
;
A
4 'polypeptide(L)'
;SDKIIHLTDDSFDTDVLKADGAILVDFWAEWCGPCKMIAPILDEIADEYQGKLTVAKLNIDQNPGTAPKYGIRGIPTLLL
FKNGEVAATKVGALSKGQLKEFLDANLA
;
B
#
loop_
_chem_comp.id
_chem_comp.type
_chem_comp.name
_chem_comp.formula
1PE non-polymer 'PENTAETHYLENE GLYCOL' 'C10 H22 O6'
8OG DNA linking 8-OXO-2'-DEOXY-GUANOSINE-5'-MONOPHOSPHATE 'C10 H14 N5 O8 P'
DA DNA linking 2'-DEOXYADENOSINE-5'-MONOPHOSPHATE 'C10 H14 N5 O6 P'
DC DNA linking 2'-DEOXYCYTIDINE-5'-MONOPHOSPHATE 'C9 H14 N3 O7 P'
DDG DNA linking 2',3'-DIDEOXY-GUANOSINE-5'-MONOPHOSPHATE 'C10 H14 N5 O6 P'
DG DNA linking 2'-DEOXYGUANOSINE-5'-MONOPHOSPHATE 'C10 H14 N5 O7 P'
DT DNA linking THYMIDINE-5'-MONOPHOSPHATE 'C10 H15 N2 O8 P'
MES non-polymer '2-(N-MORPHOLINO)-ETHANESULFONIC ACID' 'C6 H13 N O4 S'
MG non-polymer 'MAGNESIUM ION' 'Mg 2'
SO4 non-polymer 'SULFATE ION' 'O4 S -2'
#
# COMPACT_ATOMS: atom_id res chain seq x y z
P DDG A 22 -2.24 16.45 1.22
OP1 DDG A 22 -1.26 17.55 1.05
OP2 DDG A 22 -3.17 16.46 2.37
O5' DDG A 22 -3.16 16.36 -0.08
C5' DDG A 22 -2.58 16.37 -1.38
C4' DDG A 22 -3.63 16.04 -2.43
O4' DDG A 22 -4.10 14.69 -2.24
C3' DDG A 22 -4.91 16.88 -2.37
C2' DDG A 22 -5.94 15.99 -3.04
C1' DDG A 22 -5.46 14.59 -2.61
N9 DDG A 22 -6.23 14.04 -1.48
C8 DDG A 22 -5.98 14.20 -0.14
N7 DDG A 22 -6.82 13.55 0.61
C5 DDG A 22 -7.68 12.93 -0.28
C6 DDG A 22 -8.81 12.11 -0.05
O6 DDG A 22 -9.28 11.72 1.03
N1 DDG A 22 -9.41 11.71 -1.23
C2 DDG A 22 -8.98 12.06 -2.49
N2 DDG A 22 -9.70 11.60 -3.52
N3 DDG A 22 -7.93 12.83 -2.71
C4 DDG A 22 -7.33 13.23 -1.59
N MET C 1 4.22 4.99 -40.61
CA MET C 1 4.16 4.53 -39.20
C MET C 1 4.90 3.22 -39.00
N ILE C 2 5.71 3.17 -37.95
CA ILE C 2 6.42 1.94 -37.64
C ILE C 2 6.11 1.57 -36.18
N VAL C 3 6.25 0.29 -35.88
CA VAL C 3 6.02 -0.22 -34.54
C VAL C 3 7.34 -0.85 -34.16
N SER C 4 7.79 -0.61 -32.93
CA SER C 4 9.07 -1.16 -32.54
C SER C 4 9.17 -1.51 -31.07
N ASP C 5 10.28 -2.16 -30.73
CA ASP C 5 10.53 -2.58 -29.36
C ASP C 5 12.00 -2.99 -29.27
N ILE C 6 12.60 -2.82 -28.10
CA ILE C 6 13.98 -3.21 -27.93
C ILE C 6 14.16 -4.08 -26.70
N GLU C 7 15.27 -4.81 -26.68
CA GLU C 7 15.63 -5.65 -25.56
C GLU C 7 17.03 -5.14 -25.15
N ALA C 8 17.21 -4.86 -23.87
CA ALA C 8 18.50 -4.37 -23.38
C ALA C 8 18.83 -5.13 -22.10
N ASN C 9 20.02 -4.91 -21.56
CA ASN C 9 20.48 -5.66 -20.39
C ASN C 9 20.03 -5.24 -18.99
N ALA C 10 19.19 -4.21 -18.86
CA ALA C 10 18.73 -3.80 -17.54
C ALA C 10 17.68 -2.71 -17.60
N LEU C 11 17.17 -2.33 -16.43
CA LEU C 11 16.17 -1.26 -16.34
C LEU C 11 16.89 0.04 -16.68
N LEU C 12 16.12 1.07 -17.00
CA LEU C 12 16.67 2.36 -17.38
C LEU C 12 17.82 2.87 -16.53
N GLU C 13 17.63 2.82 -15.21
CA GLU C 13 18.63 3.31 -14.27
C GLU C 13 20.04 2.78 -14.50
N SER C 14 20.18 1.52 -14.91
CA SER C 14 21.50 0.96 -15.13
C SER C 14 21.76 0.25 -16.45
N VAL C 15 20.92 0.47 -17.45
CA VAL C 15 21.12 -0.18 -18.75
C VAL C 15 22.43 0.27 -19.39
N THR C 16 23.18 -0.67 -19.96
CA THR C 16 24.45 -0.35 -20.60
C THR C 16 24.61 -1.01 -21.98
N LYS C 17 23.76 -1.97 -22.31
CA LYS C 17 23.87 -2.65 -23.59
C LYS C 17 22.55 -2.91 -24.30
N PHE C 18 22.52 -2.53 -25.57
CA PHE C 18 21.38 -2.75 -26.44
C PHE C 18 21.60 -4.19 -26.92
N HIS C 19 20.63 -5.08 -26.68
CA HIS C 19 20.77 -6.46 -27.14
C HIS C 19 20.20 -6.59 -28.57
N CYS C 20 18.96 -6.17 -28.74
CA CYS C 20 18.31 -6.25 -30.05
C CYS C 20 17.10 -5.36 -30.19
N GLY C 21 16.64 -5.22 -31.43
CA GLY C 21 15.48 -4.41 -31.71
C GLY C 21 14.73 -4.98 -32.90
N VAL C 22 13.45 -4.66 -33.00
CA VAL C 22 12.61 -5.13 -34.09
C VAL C 22 11.74 -3.98 -34.56
N ILE C 23 11.59 -3.87 -35.88
CA ILE C 23 10.78 -2.81 -36.47
C ILE C 23 9.79 -3.34 -37.49
N TYR C 24 8.54 -2.93 -37.35
CA TYR C 24 7.51 -3.30 -38.31
C TYR C 24 7.16 -1.98 -39.01
N ASP C 25 7.31 -1.96 -40.32
CA ASP C 25 7.02 -0.77 -41.10
C ASP C 25 5.69 -1.00 -41.83
N TYR C 26 4.71 -0.14 -41.59
CA TYR C 26 3.41 -0.29 -42.26
C TYR C 26 3.49 -0.06 -43.76
N SER C 27 4.48 0.71 -44.21
CA SER C 27 4.64 0.98 -45.64
C SER C 27 5.13 -0.23 -46.43
N THR C 28 5.90 -1.09 -45.79
CA THR C 28 6.43 -2.28 -46.47
C THR C 28 5.80 -3.55 -45.92
N ALA C 29 5.05 -3.41 -44.83
CA ALA C 29 4.39 -4.54 -44.18
C ALA C 29 5.38 -5.65 -43.82
N GLU C 30 6.59 -5.27 -43.44
CA GLU C 30 7.61 -6.25 -43.07
C GLU C 30 8.30 -6.00 -41.73
N TYR C 31 8.71 -7.09 -41.08
CA TYR C 31 9.43 -7.01 -39.81
C TYR C 31 10.92 -7.13 -40.10
N VAL C 32 11.71 -6.32 -39.40
CA VAL C 32 13.16 -6.35 -39.56
C VAL C 32 13.79 -6.46 -38.19
N SER C 33 14.69 -7.44 -38.04
CA SER C 33 15.38 -7.69 -36.78
C SER C 33 16.78 -7.08 -36.78
N TYR C 34 17.13 -6.45 -35.65
CA TYR C 34 18.43 -5.82 -35.50
C TYR C 34 19.15 -6.45 -34.32
N ARG C 35 20.29 -7.07 -34.59
CA ARG C 35 21.06 -7.73 -33.54
C ARG C 35 22.02 -6.72 -32.92
N PRO C 36 22.77 -7.11 -31.87
CA PRO C 36 23.70 -6.19 -31.22
C PRO C 36 24.62 -5.33 -32.07
N SER C 37 25.21 -5.88 -33.12
CA SER C 37 26.08 -5.10 -33.97
C SER C 37 25.29 -4.20 -34.94
N ASP C 38 23.97 -4.32 -34.91
CA ASP C 38 23.11 -3.51 -35.78
C ASP C 38 22.51 -2.31 -35.06
N PHE C 39 23.01 -2.00 -33.87
CA PHE C 39 22.46 -0.88 -33.10
C PHE C 39 22.41 0.41 -33.90
N GLY C 40 23.52 0.77 -34.53
CA GLY C 40 23.56 1.99 -35.32
C GLY C 40 22.51 2.03 -36.40
N ALA C 41 22.30 0.90 -37.07
CA ALA C 41 21.30 0.80 -38.14
C ALA C 41 19.90 0.90 -37.56
N TYR C 42 19.72 0.39 -36.35
CA TYR C 42 18.42 0.44 -35.69
C TYR C 42 18.05 1.92 -35.47
N LEU C 43 19.00 2.67 -34.93
CA LEU C 43 18.80 4.10 -34.66
C LEU C 43 18.55 4.88 -35.94
N ASP C 44 19.29 4.56 -37.01
CA ASP C 44 19.11 5.27 -38.28
C ASP C 44 17.69 5.06 -38.81
N ALA C 45 17.19 3.83 -38.71
CA ALA C 45 15.85 3.52 -39.20
C ALA C 45 14.79 4.31 -38.43
N LEU C 46 14.97 4.49 -37.13
CA LEU C 46 14.00 5.27 -36.35
C LEU C 46 14.09 6.74 -36.77
N GLU C 47 15.30 7.24 -36.98
CA GLU C 47 15.47 8.62 -37.39
C GLU C 47 14.95 8.87 -38.80
N ALA C 48 14.92 7.82 -39.63
CA ALA C 48 14.42 7.98 -41.00
C ALA C 48 12.91 8.20 -40.92
N GLU C 49 12.25 7.48 -40.01
CA GLU C 49 10.80 7.64 -39.85
C GLU C 49 10.54 9.07 -39.40
N VAL C 50 11.37 9.59 -38.50
CA VAL C 50 11.21 10.98 -38.03
C VAL C 50 11.44 11.98 -39.16
N ALA C 51 12.38 11.68 -40.06
CA ALA C 51 12.67 12.57 -41.17
C ALA C 51 11.49 12.61 -42.16
N ARG C 52 10.70 11.55 -42.19
CA ARG C 52 9.53 11.50 -43.06
C ARG C 52 8.34 12.20 -42.40
N GLY C 53 8.52 12.62 -41.16
CA GLY C 53 7.41 13.24 -40.45
C GLY C 53 6.47 12.12 -40.06
N GLY C 54 7.04 10.96 -39.79
CA GLY C 54 6.25 9.79 -39.43
C GLY C 54 6.02 9.60 -37.94
N LEU C 55 5.58 8.40 -37.57
CA LEU C 55 5.28 8.05 -36.20
C LEU C 55 5.93 6.74 -35.80
N ILE C 56 6.38 6.68 -34.55
CA ILE C 56 7.02 5.48 -34.01
C ILE C 56 6.18 5.01 -32.83
N VAL C 57 5.74 3.75 -32.89
CA VAL C 57 4.94 3.18 -31.83
C VAL C 57 5.70 2.21 -30.94
N PHE C 58 5.63 2.44 -29.64
CA PHE C 58 6.27 1.57 -28.65
C PHE C 58 5.20 1.24 -27.61
N HIS C 59 5.42 0.19 -26.83
CA HIS C 59 4.51 -0.13 -25.74
C HIS C 59 5.40 0.24 -24.55
N ASN C 60 5.00 1.27 -23.81
CA ASN C 60 5.76 1.76 -22.66
C ASN C 60 7.09 2.40 -23.12
N GLY C 61 7.09 2.92 -24.35
CA GLY C 61 8.28 3.55 -24.88
C GLY C 61 8.59 4.88 -24.24
N HIS C 62 7.57 5.60 -23.78
CA HIS C 62 7.77 6.89 -23.15
C HIS C 62 8.65 6.80 -21.91
N LYS C 63 8.45 5.76 -21.10
CA LYS C 63 9.23 5.58 -19.89
C LYS C 63 10.49 4.74 -20.06
N TYR C 64 10.48 3.80 -20.98
CA TYR C 64 11.66 2.96 -21.17
C TYR C 64 12.40 3.07 -22.50
N ASP C 65 11.84 2.48 -23.56
CA ASP C 65 12.51 2.47 -24.86
C ASP C 65 13.14 3.78 -25.35
N VAL C 66 12.38 4.87 -25.38
CA VAL C 66 12.90 6.14 -25.86
C VAL C 66 14.10 6.68 -25.05
N PRO C 67 13.96 6.75 -23.70
CA PRO C 67 15.03 7.24 -22.83
C PRO C 67 16.24 6.28 -22.86
N ALA C 68 15.94 4.99 -22.89
CA ALA C 68 17.01 3.99 -22.92
C ALA C 68 17.85 4.13 -24.19
N LEU C 69 17.20 4.42 -25.32
CA LEU C 69 17.91 4.56 -26.59
C LEU C 69 18.84 5.78 -26.59
N THR C 70 18.40 6.86 -25.95
CA THR C 70 19.21 8.07 -25.84
C THR C 70 20.46 7.73 -25.04
N LYS C 71 20.25 7.06 -23.91
CA LYS C 71 21.34 6.66 -23.02
C LYS C 71 22.31 5.71 -23.69
N LEU C 72 21.77 4.65 -24.28
CA LEU C 72 22.57 3.64 -24.96
C LEU C 72 23.31 4.17 -26.18
N ALA C 73 22.69 5.08 -26.92
CA ALA C 73 23.33 5.64 -28.10
C ALA C 73 24.60 6.39 -27.68
N LYS C 74 24.50 7.14 -26.58
CA LYS C 74 25.65 7.89 -26.09
C LYS C 74 26.73 6.98 -25.53
N LEU C 75 26.35 6.02 -24.68
CA LEU C 75 27.31 5.10 -24.09
C LEU C 75 28.01 4.17 -25.09
N GLN C 76 27.24 3.53 -25.96
CA GLN C 76 27.80 2.59 -26.92
C GLN C 76 28.35 3.17 -28.22
N LEU C 77 27.71 4.22 -28.74
CA LEU C 77 28.15 4.79 -30.01
C LEU C 77 28.62 6.23 -29.93
N ASN C 78 28.60 6.79 -28.73
CA ASN C 78 28.99 8.18 -28.56
C ASN C 78 28.18 9.01 -29.56
N ARG C 79 26.89 8.69 -29.66
CA ARG C 79 26.00 9.39 -30.57
C ARG C 79 24.87 10.08 -29.82
N GLU C 80 24.46 11.24 -30.30
CA GLU C 80 23.35 11.96 -29.70
C GLU C 80 22.10 11.50 -30.44
N PHE C 81 21.17 10.89 -29.71
CA PHE C 81 19.92 10.39 -30.27
C PHE C 81 18.78 10.89 -29.40
N HIS C 82 17.84 11.62 -29.99
CA HIS C 82 16.73 12.16 -29.24
C HIS C 82 15.45 12.17 -30.06
N LEU C 83 14.64 11.12 -29.93
CA LEU C 83 13.37 11.05 -30.65
C LEU C 83 12.46 12.15 -30.13
N PRO C 84 11.84 12.92 -31.03
CA PRO C 84 10.95 13.99 -30.57
C PRO C 84 9.64 13.42 -30.03
N ARG C 85 9.08 14.10 -29.03
CA ARG C 85 7.83 13.67 -28.41
C ARG C 85 6.71 13.52 -29.42
N GLU C 86 6.59 14.50 -30.33
CA GLU C 86 5.52 14.48 -31.33
C GLU C 86 5.53 13.28 -32.28
N ASN C 87 6.66 12.61 -32.43
CA ASN C 87 6.75 11.45 -33.32
C ASN C 87 6.51 10.10 -32.65
N CYS C 88 6.30 10.11 -31.33
CA CYS C 88 6.12 8.85 -30.62
C CYS C 88 4.73 8.59 -30.08
N ILE C 89 4.30 7.35 -30.23
CA ILE C 89 3.01 6.88 -29.74
C ILE C 89 3.33 5.73 -28.79
N ASP C 90 2.57 5.63 -27.70
CA ASP C 90 2.79 4.59 -26.69
C ASP C 90 1.47 3.85 -26.50
N THR C 91 1.44 2.55 -26.84
CA THR C 91 0.22 1.77 -26.69
C THR C 91 -0.17 1.55 -25.23
N LEU C 92 0.78 1.66 -24.32
CA LEU C 92 0.43 1.48 -22.91
C LEU C 92 -0.32 2.74 -22.47
N VAL C 93 0.14 3.91 -22.91
CA VAL C 93 -0.53 5.16 -22.60
C VAL C 93 -1.93 5.15 -23.23
N LEU C 94 -2.04 4.65 -24.46
CA LEU C 94 -3.34 4.60 -25.14
C LEU C 94 -4.31 3.67 -24.43
N SER C 95 -3.82 2.50 -24.00
CA SER C 95 -4.64 1.53 -23.30
C SER C 95 -5.17 2.08 -21.98
N ARG C 96 -4.33 2.84 -21.28
CA ARG C 96 -4.70 3.41 -19.99
C ARG C 96 -5.73 4.50 -20.13
N LEU C 97 -5.81 5.08 -21.32
CA LEU C 97 -6.81 6.10 -21.58
C LEU C 97 -8.11 5.45 -22.01
N ILE C 98 -8.04 4.56 -22.99
CA ILE C 98 -9.22 3.90 -23.53
C ILE C 98 -9.85 2.86 -22.59
N HIS C 99 -9.01 2.09 -21.87
CA HIS C 99 -9.50 1.08 -20.94
C HIS C 99 -9.22 1.54 -19.50
N SER C 100 -9.55 2.81 -19.21
CA SER C 100 -9.30 3.38 -17.89
C SER C 100 -10.08 2.72 -16.76
N ASN C 101 -11.07 1.91 -17.10
CA ASN C 101 -11.84 1.22 -16.06
C ASN C 101 -11.12 -0.04 -15.60
N LEU C 102 -10.04 -0.40 -16.29
CA LEU C 102 -9.28 -1.61 -15.94
C LEU C 102 -7.90 -1.33 -15.34
N LYS C 103 -7.40 -2.31 -14.59
CA LYS C 103 -6.07 -2.24 -13.98
C LYS C 103 -5.12 -2.88 -14.98
N ASP C 104 -3.83 -2.79 -14.69
CA ASP C 104 -2.80 -3.44 -15.50
C ASP C 104 -1.64 -3.70 -14.54
N THR C 105 -0.74 -4.59 -14.94
CA THR C 105 0.39 -4.96 -14.10
C THR C 105 1.52 -3.94 -14.03
N ASP C 106 1.39 -2.85 -14.78
CA ASP C 106 2.42 -1.82 -14.82
C ASP C 106 3.69 -2.49 -15.32
N MET C 107 3.53 -3.22 -16.41
CA MET C 107 4.61 -3.96 -17.05
C MET C 107 5.26 -5.01 -16.16
N GLY C 108 4.45 -5.76 -15.43
CA GLY C 108 4.99 -6.81 -14.58
C GLY C 108 5.47 -6.43 -13.19
N LEU C 109 5.44 -5.14 -12.87
CA LEU C 109 5.87 -4.70 -11.54
C LEU C 109 4.88 -5.15 -10.48
N LEU C 110 3.65 -5.41 -10.90
CA LEU C 110 2.60 -5.84 -9.97
C LEU C 110 2.15 -7.24 -10.31
N ARG C 111 1.78 -8.00 -9.28
CA ARG C 111 1.31 -9.37 -9.49
C ARG C 111 -0.10 -9.35 -10.07
N SER C 112 -0.28 -10.02 -11.21
CA SER C 112 -1.57 -10.09 -11.89
C SER C 112 -2.68 -10.54 -10.97
N GLY C 113 -2.43 -11.65 -10.27
CA GLY C 113 -3.42 -12.22 -9.37
C GLY C 113 -3.98 -11.34 -8.28
N LYS C 114 -3.22 -10.31 -7.89
CA LYS C 114 -3.63 -9.39 -6.82
C LYS C 114 -4.54 -8.26 -7.32
N LEU C 115 -4.57 -8.05 -8.63
CA LEU C 115 -5.39 -6.99 -9.21
C LEU C 115 -6.85 -7.41 -9.32
N PRO C 116 -7.78 -6.47 -9.06
CA PRO C 116 -9.21 -6.74 -9.14
C PRO C 116 -9.68 -6.55 -10.59
N GLY C 117 -10.79 -7.19 -10.95
CA GLY C 117 -11.32 -7.05 -12.31
C GLY C 117 -10.56 -7.83 -13.37
N ALA C 118 -10.92 -7.60 -14.62
CA ALA C 118 -10.29 -8.27 -15.75
C ALA C 118 -9.11 -7.46 -16.28
N LEU C 119 -8.32 -8.07 -17.14
CA LEU C 119 -7.16 -7.40 -17.74
C LEU C 119 -7.21 -7.52 -19.25
N GLU C 120 -6.87 -6.44 -19.95
CA GLU C 120 -6.85 -6.45 -21.41
C GLU C 120 -5.78 -7.48 -21.81
N ALA C 121 -6.17 -8.45 -22.62
CA ALA C 121 -5.28 -9.55 -23.05
C ALA C 121 -3.94 -9.24 -23.71
N TRP C 122 -3.92 -8.39 -24.73
CA TRP C 122 -2.66 -8.08 -25.38
C TRP C 122 -1.72 -7.38 -24.40
N GLY C 123 -2.27 -6.43 -23.64
CA GLY C 123 -1.49 -5.71 -22.67
C GLY C 123 -0.97 -6.65 -21.59
N TYR C 124 -1.79 -7.62 -21.23
CA TYR C 124 -1.39 -8.60 -20.23
C TYR C 124 -0.15 -9.34 -20.74
N ARG C 125 -0.21 -9.85 -21.98
CA ARG C 125 0.92 -10.58 -22.56
C ARG C 125 2.22 -9.76 -22.60
N LEU C 126 2.12 -8.51 -23.04
CA LEU C 126 3.29 -7.63 -23.11
C LEU C 126 3.91 -7.46 -21.73
N GLY C 127 3.05 -7.28 -20.72
CA GLY C 127 3.53 -7.09 -19.36
C GLY C 127 4.13 -8.33 -18.73
N GLU C 128 3.77 -9.51 -19.24
CA GLU C 128 4.26 -10.77 -18.72
C GLU C 128 5.45 -11.34 -19.50
N MET C 129 5.81 -10.72 -20.62
CA MET C 129 6.90 -11.20 -21.46
C MET C 129 8.22 -11.47 -20.74
N LYS C 130 8.64 -10.55 -19.88
CA LYS C 130 9.90 -10.74 -19.16
C LYS C 130 9.86 -12.00 -18.29
N GLY C 131 8.75 -12.19 -17.59
CA GLY C 131 8.58 -13.35 -16.75
C GLY C 131 8.56 -14.65 -17.54
N GLU C 132 7.96 -14.63 -18.72
CA GLU C 132 7.89 -15.83 -19.56
C GLU C 132 9.27 -16.16 -20.11
N TYR C 133 9.98 -15.13 -20.56
CA TYR C 133 11.32 -15.31 -21.11
C TYR C 133 12.22 -15.91 -20.04
N LYS C 134 12.12 -15.40 -18.82
CA LYS C 134 12.92 -15.90 -17.72
C LYS C 134 12.59 -17.37 -17.43
N ASP C 135 11.33 -17.76 -17.63
CA ASP C 135 10.94 -19.14 -17.38
C ASP C 135 11.47 -20.07 -18.47
N ASP C 136 11.42 -19.62 -19.72
CA ASP C 136 11.94 -20.43 -20.82
C ASP C 136 13.45 -20.59 -20.65
N PHE C 137 14.10 -19.50 -20.28
CA PHE C 137 15.55 -19.48 -20.09
C PHE C 137 15.93 -20.47 -18.99
N LYS C 138 15.27 -20.36 -17.84
CA LYS C 138 15.52 -21.23 -16.70
C LYS C 138 15.39 -22.72 -16.97
N ARG C 139 14.30 -23.12 -17.61
CA ARG C 139 14.12 -24.53 -17.88
C ARG C 139 15.13 -25.03 -18.91
N MET C 140 15.55 -24.15 -19.82
CA MET C 140 16.53 -24.55 -20.82
C MET C 140 17.88 -24.81 -20.15
N LEU C 141 18.15 -24.09 -19.07
CA LEU C 141 19.40 -24.24 -18.34
C LEU C 141 19.39 -25.53 -17.51
N GLU C 142 18.37 -25.67 -16.67
CA GLU C 142 18.26 -26.85 -15.81
C GLU C 142 18.21 -28.14 -16.62
N GLU C 143 17.75 -28.05 -17.87
CA GLU C 143 17.71 -29.23 -18.73
C GLU C 143 19.11 -29.59 -19.16
N GLN C 144 20.02 -28.63 -19.06
CA GLN C 144 21.42 -28.83 -19.44
C GLN C 144 22.30 -29.01 -18.21
N GLY C 145 21.66 -29.21 -17.07
CA GLY C 145 22.40 -29.40 -15.82
C GLY C 145 23.15 -28.17 -15.34
N GLU C 146 22.77 -27.00 -15.85
CA GLU C 146 23.41 -25.75 -15.47
C GLU C 146 22.59 -25.00 -14.44
N GLU C 147 23.25 -24.44 -13.42
CA GLU C 147 22.53 -23.69 -12.40
C GLU C 147 22.15 -22.31 -12.91
N TYR C 148 21.01 -21.83 -12.45
CA TYR C 148 20.51 -20.52 -12.85
C TYR C 148 21.00 -19.49 -11.83
N VAL C 149 21.20 -18.26 -12.28
CA VAL C 149 21.66 -17.20 -11.39
C VAL C 149 20.69 -16.02 -11.45
N ASP C 150 20.36 -15.49 -10.28
CA ASP C 150 19.44 -14.36 -10.12
C ASP C 150 18.73 -13.91 -11.38
N GLY C 151 19.43 -13.18 -12.25
CA GLY C 151 18.81 -12.70 -13.47
C GLY C 151 19.73 -12.72 -14.68
N MET C 152 20.44 -13.83 -14.87
CA MET C 152 21.38 -13.98 -15.98
C MET C 152 20.74 -13.96 -17.37
N GLU C 153 19.42 -14.13 -17.44
CA GLU C 153 18.75 -14.14 -18.74
C GLU C 153 18.92 -12.83 -19.51
N TRP C 154 19.27 -11.76 -18.82
CA TRP C 154 19.44 -10.46 -19.47
C TRP C 154 20.88 -10.01 -19.70
N TRP C 155 21.87 -10.81 -19.28
CA TRP C 155 23.26 -10.41 -19.44
C TRP C 155 23.75 -10.46 -20.88
N ASN C 156 23.27 -11.43 -21.65
CA ASN C 156 23.71 -11.56 -23.02
C ASN C 156 22.58 -11.76 -24.00
N PHE C 157 22.84 -11.39 -25.25
CA PHE C 157 21.87 -11.56 -26.31
C PHE C 157 21.86 -13.03 -26.71
N ASN C 158 20.67 -13.54 -27.04
CA ASN C 158 20.53 -14.91 -27.51
C ASN C 158 19.32 -14.93 -28.43
N GLU C 159 19.19 -15.99 -29.22
CA GLU C 159 18.09 -16.08 -30.17
C GLU C 159 16.68 -16.19 -29.59
N GLU C 160 16.53 -16.72 -28.38
CA GLU C 160 15.18 -16.78 -27.83
C GLU C 160 14.75 -15.40 -27.36
N MET C 161 15.73 -14.54 -27.07
CA MET C 161 15.46 -13.17 -26.67
C MET C 161 14.98 -12.42 -27.92
N MET C 162 15.64 -12.72 -29.03
CA MET C 162 15.31 -12.12 -30.32
C MET C 162 13.86 -12.50 -30.67
N ASP C 163 13.51 -13.76 -30.45
CA ASP C 163 12.17 -14.25 -30.74
C ASP C 163 11.11 -13.54 -29.90
N TYR C 164 11.43 -13.28 -28.64
CA TYR C 164 10.50 -12.56 -27.76
C TYR C 164 10.37 -11.12 -28.24
N ASN C 165 11.45 -10.58 -28.77
CA ASN C 165 11.47 -9.20 -29.29
C ASN C 165 10.52 -9.13 -30.48
N VAL C 166 10.59 -10.11 -31.38
CA VAL C 166 9.70 -10.15 -32.55
C VAL C 166 8.24 -10.27 -32.07
N GLN C 167 8.00 -11.20 -31.16
CA GLN C 167 6.66 -11.40 -30.61
C GLN C 167 6.09 -10.14 -29.97
N ASP C 168 6.93 -9.38 -29.26
CA ASP C 168 6.46 -8.14 -28.63
C ASP C 168 5.91 -7.17 -29.67
N VAL C 169 6.60 -7.04 -30.78
CA VAL C 169 6.15 -6.13 -31.83
C VAL C 169 4.88 -6.66 -32.49
N VAL C 170 4.78 -7.98 -32.64
CA VAL C 170 3.59 -8.57 -33.24
C VAL C 170 2.36 -8.26 -32.37
N VAL C 171 2.52 -8.41 -31.06
CA VAL C 171 1.42 -8.14 -30.14
C VAL C 171 1.14 -6.64 -30.00
N THR C 172 2.19 -5.82 -30.02
CA THR C 172 2.02 -4.38 -29.89
C THR C 172 1.25 -3.83 -31.10
N LYS C 173 1.53 -4.39 -32.28
CA LYS C 173 0.83 -3.97 -33.49
C LYS C 173 -0.64 -4.36 -33.36
N ALA C 174 -0.90 -5.54 -32.82
CA ALA C 174 -2.27 -6.02 -32.62
C ALA C 174 -3.01 -5.11 -31.64
N LEU C 175 -2.33 -4.75 -30.56
CA LEU C 175 -2.91 -3.89 -29.55
C LEU C 175 -3.25 -2.54 -30.18
N LEU C 176 -2.26 -1.98 -30.87
CA LEU C 176 -2.42 -0.69 -31.53
C LEU C 176 -3.69 -0.63 -32.37
N GLU C 177 -3.85 -1.58 -33.29
CA GLU C 177 -5.03 -1.62 -34.15
C GLU C 177 -6.33 -1.82 -33.37
N LYS C 178 -6.24 -2.51 -32.24
CA LYS C 178 -7.42 -2.71 -31.43
C LYS C 178 -7.80 -1.35 -30.84
N LEU C 179 -6.80 -0.61 -30.36
CA LEU C 179 -7.03 0.71 -29.79
C LEU C 179 -7.53 1.70 -30.83
N LEU C 180 -6.90 1.70 -32.01
CA LEU C 180 -7.30 2.60 -33.08
C LEU C 180 -8.71 2.32 -33.63
N SER C 181 -9.27 1.16 -33.30
CA SER C 181 -10.60 0.84 -33.78
C SER C 181 -11.71 1.44 -32.92
N ASP C 182 -11.33 2.10 -31.82
CA ASP C 182 -12.32 2.73 -30.95
C ASP C 182 -12.67 4.08 -31.60
N LYS C 183 -13.82 4.14 -32.25
CA LYS C 183 -14.23 5.36 -32.94
C LYS C 183 -14.50 6.59 -32.06
N HIS C 184 -14.61 6.40 -30.74
CA HIS C 184 -14.83 7.54 -29.87
C HIS C 184 -13.55 8.39 -29.83
N TYR C 185 -12.40 7.72 -29.94
CA TYR C 185 -11.11 8.40 -29.89
C TYR C 185 -10.49 8.59 -31.29
N PHE C 186 -10.85 7.71 -32.22
CA PHE C 186 -10.30 7.80 -33.57
C PHE C 186 -11.40 7.71 -34.64
N PRO C 187 -11.73 8.84 -35.28
CA PRO C 187 -12.75 8.89 -36.33
C PRO C 187 -12.53 7.80 -37.39
N PRO C 188 -13.56 6.98 -37.67
CA PRO C 188 -13.47 5.90 -38.66
C PRO C 188 -13.04 6.35 -40.06
N GLU C 189 -13.35 7.58 -40.42
CA GLU C 189 -13.01 8.09 -41.75
C GLU C 189 -11.51 8.17 -42.00
N ILE C 190 -10.72 8.04 -40.94
CA ILE C 190 -9.27 8.14 -41.09
C ILE C 190 -8.53 6.86 -40.74
N ASP C 191 -7.56 6.49 -41.59
CA ASP C 191 -6.73 5.32 -41.34
C ASP C 191 -5.54 5.90 -40.60
N PHE C 192 -5.52 5.78 -39.29
CA PHE C 192 -4.43 6.34 -38.51
C PHE C 192 -3.07 5.68 -38.63
N THR C 193 -2.99 4.59 -39.38
CA THR C 193 -1.72 3.92 -39.57
C THR C 193 -1.11 4.43 -40.87
N ASP C 194 -1.81 5.35 -41.52
CA ASP C 194 -1.33 5.89 -42.78
C ASP C 194 -1.32 7.41 -42.83
N VAL C 195 -0.95 8.05 -41.73
CA VAL C 195 -0.91 9.51 -41.65
C VAL C 195 0.34 10.02 -40.97
N GLY C 196 0.69 11.27 -41.26
CA GLY C 196 1.86 11.88 -40.63
C GLY C 196 1.56 12.22 -39.18
N TYR C 197 2.57 12.60 -38.41
CA TYR C 197 2.34 12.89 -37.00
C TYR C 197 1.38 14.05 -36.75
N THR C 198 1.48 15.13 -37.52
CA THR C 198 0.59 16.26 -37.32
C THR C 198 -0.89 15.89 -37.49
N THR C 199 -1.20 15.07 -38.49
CA THR C 199 -2.57 14.65 -38.71
C THR C 199 -3.06 13.77 -37.56
N PHE C 200 -2.21 12.83 -37.14
CA PHE C 200 -2.56 11.92 -36.06
C PHE C 200 -3.02 12.65 -34.80
N TRP C 201 -2.27 13.66 -34.36
CA TRP C 201 -2.63 14.40 -33.15
C TRP C 201 -3.84 15.33 -33.34
N SER C 202 -3.92 16.00 -34.49
CA SER C 202 -5.02 16.92 -34.74
C SER C 202 -6.35 16.26 -35.08
N GLU C 203 -6.32 15.07 -35.66
CA GLU C 203 -7.56 14.38 -36.03
C GLU C 203 -8.12 13.43 -34.96
N SER C 204 -7.29 13.06 -33.98
CA SER C 204 -7.74 12.17 -32.92
C SER C 204 -8.31 13.03 -31.79
N LEU C 205 -9.09 12.41 -30.91
CA LEU C 205 -9.69 13.14 -29.80
C LEU C 205 -8.58 13.86 -29.02
N GLU C 206 -8.90 15.05 -28.51
CA GLU C 206 -7.93 15.82 -27.74
C GLU C 206 -7.23 15.00 -26.64
N ALA C 207 -7.97 14.13 -25.95
CA ALA C 207 -7.40 13.32 -24.87
C ALA C 207 -6.18 12.48 -25.26
N VAL C 208 -6.12 12.04 -26.51
CA VAL C 208 -5.00 11.23 -26.97
C VAL C 208 -3.71 12.05 -26.92
N ASP C 209 -3.80 13.30 -27.34
CA ASP C 209 -2.64 14.19 -27.33
C ASP C 209 -2.24 14.56 -25.91
N ILE C 210 -3.22 14.87 -25.07
CA ILE C 210 -2.95 15.24 -23.69
C ILE C 210 -2.31 14.10 -22.89
N GLU C 211 -2.78 12.88 -23.09
CA GLU C 211 -2.21 11.75 -22.38
C GLU C 211 -0.77 11.45 -22.78
N HIS C 212 -0.43 11.63 -24.06
CA HIS C 212 0.95 11.38 -24.47
C HIS C 212 1.86 12.50 -23.96
N ARG C 213 1.37 13.72 -23.95
CA ARG C 213 2.17 14.83 -23.46
C ARG C 213 2.41 14.64 -21.95
N ALA C 214 1.38 14.18 -21.23
CA ALA C 214 1.51 13.96 -19.81
C ALA C 214 2.52 12.84 -19.49
N ALA C 215 2.45 11.75 -20.23
CA ALA C 215 3.35 10.63 -19.99
C ALA C 215 4.81 10.99 -20.33
N TRP C 216 5.00 11.80 -21.35
CA TRP C 216 6.35 12.20 -21.74
C TRP C 216 6.94 13.06 -20.63
N LEU C 217 6.17 14.05 -20.17
CA LEU C 217 6.62 14.94 -19.11
C LEU C 217 6.86 14.19 -17.78
N LEU C 218 5.92 13.34 -17.39
CA LEU C 218 6.05 12.61 -16.14
C LEU C 218 7.19 11.58 -16.15
N ALA C 219 7.53 11.06 -17.32
CA ALA C 219 8.64 10.12 -17.41
C ALA C 219 9.89 10.95 -17.08
N LYS C 220 9.92 12.17 -17.60
CA LYS C 220 11.04 13.08 -17.32
C LYS C 220 11.11 13.35 -15.82
N GLN C 221 9.94 13.56 -15.20
CA GLN C 221 9.90 13.82 -13.77
C GLN C 221 10.46 12.65 -12.96
N GLU C 222 10.12 11.42 -13.37
CA GLU C 222 10.62 10.25 -12.66
C GLU C 222 12.14 10.23 -12.76
N ARG C 223 12.64 10.50 -13.96
CA ARG C 223 14.08 10.54 -14.24
C ARG C 223 14.76 11.60 -13.37
N ASN C 224 14.11 12.75 -13.20
CA ASN C 224 14.66 13.82 -12.37
C ASN C 224 14.79 13.32 -10.93
N GLY C 225 13.70 12.78 -10.40
CA GLY C 225 13.69 12.30 -9.03
C GLY C 225 13.48 13.45 -8.07
N PHE C 226 13.22 13.14 -6.80
CA PHE C 226 13.00 14.14 -5.76
C PHE C 226 14.22 14.11 -4.83
N PRO C 227 15.02 15.20 -4.80
CA PRO C 227 16.21 15.23 -3.92
C PRO C 227 15.76 14.87 -2.50
N PHE C 228 16.47 13.96 -1.86
CA PHE C 228 16.10 13.45 -0.54
C PHE C 228 17.23 13.51 0.48
N ASP C 229 16.91 13.92 1.70
CA ASP C 229 17.91 14.03 2.78
C ASP C 229 18.02 12.72 3.56
N THR C 230 18.80 11.79 3.02
CA THR C 230 18.99 10.48 3.64
C THR C 230 19.44 10.56 5.11
N LYS C 231 20.43 11.41 5.38
CA LYS C 231 20.92 11.55 6.74
C LYS C 231 19.82 11.95 7.72
N ALA C 232 19.03 12.95 7.35
CA ALA C 232 17.96 13.41 8.21
C ALA C 232 16.95 12.29 8.51
N ILE C 233 16.70 11.42 7.55
CA ILE C 233 15.73 10.36 7.81
C ILE C 233 16.32 9.23 8.63
N GLU C 234 17.63 9.01 8.51
CA GLU C 234 18.29 7.97 9.31
C GLU C 234 18.22 8.43 10.77
N GLU C 235 18.39 9.73 10.99
CA GLU C 235 18.34 10.30 12.34
C GLU C 235 16.92 10.26 12.88
N LEU C 236 15.94 10.43 12.00
CA LEU C 236 14.54 10.37 12.42
C LEU C 236 14.22 8.92 12.80
N TYR C 237 14.78 7.99 12.04
CA TYR C 237 14.57 6.58 12.28
C TYR C 237 15.09 6.17 13.67
N VAL C 238 16.27 6.68 14.03
CA VAL C 238 16.85 6.39 15.34
C VAL C 238 15.91 6.91 16.42
N GLU C 239 15.45 8.15 16.24
CA GLU C 239 14.53 8.78 17.18
C GLU C 239 13.22 8.00 17.32
N LEU C 240 12.65 7.58 16.20
CA LEU C 240 11.39 6.83 16.24
C LEU C 240 11.57 5.44 16.83
N ALA C 241 12.68 4.80 16.50
CA ALA C 241 12.96 3.46 17.01
C ALA C 241 13.11 3.49 18.53
N ALA C 242 13.72 4.56 19.03
CA ALA C 242 13.92 4.70 20.47
C ALA C 242 12.59 4.91 21.18
N ARG C 243 11.70 5.69 20.60
CA ARG C 243 10.41 5.91 21.22
C ARG C 243 9.57 4.63 21.13
N ARG C 244 9.69 3.90 20.04
CA ARG C 244 8.95 2.65 19.88
C ARG C 244 9.34 1.67 20.98
N SER C 245 10.64 1.50 21.19
CA SER C 245 11.14 0.59 22.22
C SER C 245 10.65 0.96 23.62
N GLU C 246 10.65 2.25 23.92
CA GLU C 246 10.21 2.72 25.23
C GLU C 246 8.72 2.47 25.42
N LEU C 247 7.95 2.66 24.36
CA LEU C 247 6.51 2.42 24.44
C LEU C 247 6.27 0.93 24.64
N LEU C 248 7.07 0.10 23.97
CA LEU C 248 6.94 -1.34 24.08
C LEU C 248 7.29 -1.76 25.51
N ARG C 249 8.36 -1.19 26.05
CA ARG C 249 8.78 -1.50 27.41
C ARG C 249 7.62 -1.24 28.37
N LYS C 250 7.05 -0.04 28.28
CA LYS C 250 5.93 0.34 29.13
C LYS C 250 4.72 -0.55 28.93
N LEU C 251 4.30 -0.73 27.68
CA LEU C 251 3.13 -1.56 27.39
C LEU C 251 3.29 -3.02 27.79
N THR C 252 4.47 -3.59 27.59
CA THR C 252 4.67 -4.98 27.97
C THR C 252 4.74 -5.13 29.49
N GLU C 253 4.91 -4.01 30.18
CA GLU C 253 4.97 -4.00 31.62
C GLU C 253 3.54 -3.95 32.13
N THR C 254 2.71 -3.15 31.46
CA THR C 254 1.31 -2.99 31.81
C THR C 254 0.47 -4.20 31.40
N PHE C 255 0.74 -4.75 30.22
CA PHE C 255 0.03 -5.90 29.70
C PHE C 255 0.99 -7.09 29.62
N GLY C 256 0.87 -8.00 30.57
CA GLY C 256 1.78 -9.14 30.59
C GLY C 256 1.54 -10.20 29.54
N SER C 257 2.54 -11.06 29.35
CA SER C 257 2.45 -12.13 28.37
C SER C 257 1.47 -13.21 28.82
N TRP C 258 1.09 -14.10 27.91
CA TRP C 258 0.15 -15.16 28.23
C TRP C 258 0.37 -16.36 27.32
N TYR C 259 -0.36 -17.45 27.58
CA TYR C 259 -0.24 -18.65 26.77
C TYR C 259 -1.44 -18.86 25.86
N GLN C 260 -1.17 -19.40 24.68
CA GLN C 260 -2.21 -19.68 23.70
C GLN C 260 -2.00 -21.06 23.13
N PRO C 261 -3.10 -21.80 22.88
CA PRO C 261 -2.94 -23.15 22.33
C PRO C 261 -2.29 -23.05 20.95
N LYS C 262 -1.41 -23.99 20.65
CA LYS C 262 -0.73 -23.98 19.36
C LYS C 262 -0.02 -25.31 19.09
N GLY C 263 -0.28 -25.88 17.92
CA GLY C 263 0.33 -27.13 17.55
C GLY C 263 -0.57 -28.33 17.72
N GLY C 264 -1.77 -28.11 18.22
CA GLY C 264 -2.71 -29.20 18.42
C GLY C 264 -3.15 -29.80 17.09
N THR C 265 -3.02 -31.12 16.98
CA THR C 265 -3.39 -31.81 15.74
C THR C 265 -4.58 -32.73 15.91
N GLU C 266 -4.96 -32.99 17.16
CA GLU C 266 -6.08 -33.89 17.43
C GLU C 266 -7.28 -33.17 18.02
N MET C 267 -8.45 -33.66 17.64
CA MET C 267 -9.71 -33.11 18.13
C MET C 267 -9.92 -33.59 19.56
N PHE C 268 -10.39 -32.72 20.44
CA PHE C 268 -10.63 -33.12 21.82
C PHE C 268 -12.05 -33.68 21.95
N CYS C 269 -12.15 -34.91 22.42
CA CYS C 269 -13.45 -35.56 22.59
C CYS C 269 -13.79 -35.78 24.05
N HIS C 270 -15.08 -35.74 24.37
CA HIS C 270 -15.53 -35.94 25.73
C HIS C 270 -15.20 -37.36 26.18
N PRO C 271 -14.43 -37.51 27.27
CA PRO C 271 -14.04 -38.81 27.81
C PRO C 271 -15.23 -39.73 28.09
N ARG C 272 -16.31 -39.13 28.58
CA ARG C 272 -17.53 -39.87 28.92
C ARG C 272 -18.26 -40.30 27.65
N THR C 273 -18.78 -39.32 26.92
CA THR C 273 -19.51 -39.56 25.69
C THR C 273 -18.63 -39.95 24.52
N GLY C 274 -17.79 -39.01 24.11
CA GLY C 274 -16.91 -39.24 22.99
C GLY C 274 -17.26 -38.28 21.87
N LYS C 275 -18.27 -37.45 22.12
CA LYS C 275 -18.69 -36.47 21.13
C LYS C 275 -17.57 -35.46 20.96
N PRO C 276 -17.20 -35.15 19.71
CA PRO C 276 -16.15 -34.18 19.44
C PRO C 276 -16.45 -32.83 20.06
N LEU C 277 -15.40 -32.12 20.46
CA LEU C 277 -15.56 -30.81 21.06
C LEU C 277 -14.68 -29.83 20.28
N PRO C 278 -15.13 -29.47 19.06
CA PRO C 278 -14.43 -28.56 18.14
C PRO C 278 -14.03 -27.23 18.78
N LYS C 279 -14.86 -26.74 19.68
CA LYS C 279 -14.59 -25.46 20.35
C LYS C 279 -13.36 -25.51 21.24
N TYR C 280 -13.14 -26.62 21.94
CA TYR C 280 -11.97 -26.77 22.78
C TYR C 280 -10.73 -26.74 21.91
N PRO C 281 -9.60 -26.30 22.48
CA PRO C 281 -8.33 -26.22 21.73
C PRO C 281 -7.91 -27.62 21.30
N ARG C 282 -7.27 -27.73 20.14
CA ARG C 282 -6.80 -29.04 19.66
C ARG C 282 -5.79 -29.60 20.65
N ILE C 283 -5.76 -30.92 20.78
CA ILE C 283 -4.84 -31.58 21.70
C ILE C 283 -3.85 -32.48 20.99
N LYS C 284 -3.00 -33.11 21.79
CA LYS C 284 -2.00 -34.04 21.29
C LYS C 284 -2.03 -35.24 22.23
N THR C 285 -2.04 -36.44 21.69
CA THR C 285 -2.06 -37.66 22.50
C THR C 285 -0.79 -38.47 22.27
N PRO C 286 0.19 -38.35 23.17
CA PRO C 286 1.45 -39.09 23.01
C PRO C 286 1.21 -40.59 22.87
N LYS C 287 1.85 -41.19 21.87
CA LYS C 287 1.72 -42.61 21.60
C LYS C 287 2.73 -43.43 22.41
N VAL C 288 3.86 -42.82 22.72
CA VAL C 288 4.92 -43.48 23.49
C VAL C 288 5.19 -42.74 24.79
N GLY C 289 5.71 -43.46 25.78
CA GLY C 289 6.01 -42.85 27.06
C GLY C 289 5.32 -43.54 28.22
N GLY C 290 5.97 -43.52 29.37
CA GLY C 290 5.41 -44.14 30.55
C GLY C 290 6.09 -43.64 31.81
N ILE C 291 5.84 -44.31 32.92
CA ILE C 291 6.42 -43.92 34.20
C ILE C 291 7.77 -44.61 34.37
N PHE C 292 7.84 -45.88 34.01
CA PHE C 292 9.08 -46.65 34.10
C PHE C 292 9.54 -47.03 32.71
N LYS C 293 10.82 -47.42 32.60
CA LYS C 293 11.37 -47.84 31.32
C LYS C 293 11.11 -49.32 31.14
N LYS C 294 11.00 -49.76 29.90
CA LYS C 294 10.76 -51.17 29.61
C LYS C 294 12.08 -51.88 29.85
N PRO C 295 12.16 -52.72 30.89
CA PRO C 295 13.38 -53.46 31.21
C PRO C 295 13.79 -54.45 30.12
N LYS C 298 16.26 -57.64 32.26
CA LYS C 298 17.49 -56.94 32.61
C LYS C 298 17.77 -57.08 34.10
N ALA C 299 17.09 -58.02 34.76
CA ALA C 299 17.29 -58.31 36.18
C ALA C 299 16.13 -59.14 36.69
N GLN C 300 16.39 -60.03 37.64
CA GLN C 300 15.33 -60.85 38.23
C GLN C 300 14.44 -60.06 39.19
N ARG C 301 15.03 -59.04 39.80
CA ARG C 301 14.30 -58.18 40.72
C ARG C 301 13.18 -57.46 39.97
N GLU C 302 13.49 -56.99 38.77
CA GLU C 302 12.52 -56.28 37.94
C GLU C 302 11.70 -57.22 37.07
N GLY C 303 12.30 -58.34 36.66
CA GLY C 303 11.59 -59.31 35.83
C GLY C 303 10.32 -59.73 36.54
N ARG C 304 10.17 -59.25 37.78
CA ARG C 304 9.02 -59.57 38.61
C ARG C 304 8.65 -58.33 39.44
N CYS C 307 12.28 -50.93 39.26
CA CYS C 307 12.43 -50.73 37.79
C CYS C 307 12.85 -49.28 37.53
N GLU C 308 13.72 -49.09 36.52
CA GLU C 308 14.21 -47.76 36.18
C GLU C 308 13.11 -46.79 35.74
N LEU C 309 13.24 -45.52 36.14
CA LEU C 309 12.28 -44.49 35.82
C LEU C 309 12.42 -43.89 34.42
N ASP C 310 11.29 -43.55 33.82
CA ASP C 310 11.26 -42.93 32.49
C ASP C 310 11.23 -41.41 32.67
N THR C 311 12.41 -40.81 32.62
CA THR C 311 12.56 -39.37 32.79
C THR C 311 11.82 -38.53 31.75
N ARG C 312 11.36 -39.16 30.67
CA ARG C 312 10.63 -38.42 29.64
C ARG C 312 9.37 -37.85 30.28
N GLU C 313 8.90 -36.71 29.78
CA GLU C 313 7.74 -36.06 30.37
C GLU C 313 6.35 -36.43 29.85
N TYR C 314 6.28 -37.35 28.89
CA TYR C 314 4.97 -37.73 28.34
C TYR C 314 4.58 -39.16 28.72
N VAL C 315 3.27 -39.39 28.79
CA VAL C 315 2.72 -40.71 29.12
C VAL C 315 1.74 -41.14 28.03
N ALA C 316 2.04 -42.26 27.38
CA ALA C 316 1.20 -42.76 26.31
C ALA C 316 -0.27 -42.75 26.71
N GLY C 317 -1.10 -42.12 25.89
CA GLY C 317 -2.52 -42.06 26.18
C GLY C 317 -2.99 -40.84 26.94
N ALA C 318 -2.09 -40.23 27.71
CA ALA C 318 -2.42 -39.04 28.50
C ALA C 318 -2.30 -37.79 27.63
N PRO C 319 -3.45 -37.27 27.16
CA PRO C 319 -3.49 -36.08 26.30
C PRO C 319 -3.18 -34.76 27.01
N TYR C 320 -2.60 -33.83 26.26
CA TYR C 320 -2.28 -32.51 26.78
C TYR C 320 -2.54 -31.49 25.68
N THR C 321 -2.58 -30.22 26.04
CA THR C 321 -2.80 -29.17 25.06
C THR C 321 -1.51 -28.39 24.81
N PRO C 322 -0.97 -28.49 23.59
CA PRO C 322 0.27 -27.78 23.24
C PRO C 322 0.02 -26.28 23.29
N VAL C 323 0.93 -25.51 23.90
CA VAL C 323 0.74 -24.07 23.98
C VAL C 323 2.00 -23.29 23.70
N GLU C 324 1.83 -22.03 23.33
CA GLU C 324 2.97 -21.17 23.04
C GLU C 324 2.86 -19.91 23.89
N HIS C 325 3.99 -19.36 24.29
CA HIS C 325 4.02 -18.16 25.13
C HIS C 325 4.01 -16.96 24.20
N VAL C 326 3.08 -16.03 24.42
CA VAL C 326 3.00 -14.85 23.57
C VAL C 326 3.12 -13.54 24.35
N VAL C 327 3.95 -12.64 23.83
CA VAL C 327 4.17 -11.34 24.45
C VAL C 327 3.26 -10.31 23.79
N PHE C 328 2.81 -9.33 24.56
CA PHE C 328 1.92 -8.29 24.04
C PHE C 328 2.58 -7.55 22.87
N ASN C 329 1.87 -7.49 21.74
CA ASN C 329 2.35 -6.79 20.55
C ASN C 329 1.40 -5.62 20.34
N PRO C 330 1.86 -4.39 20.58
CA PRO C 330 1.01 -3.20 20.41
C PRO C 330 0.50 -2.99 18.99
N SER C 331 1.10 -3.66 18.02
CA SER C 331 0.65 -3.51 16.64
C SER C 331 -0.51 -4.48 16.33
N SER C 332 -0.67 -5.51 17.17
CA SER C 332 -1.74 -6.48 16.95
C SER C 332 -3.09 -6.00 17.48
N ARG C 333 -4.05 -5.81 16.58
CA ARG C 333 -5.38 -5.37 16.98
C ARG C 333 -6.03 -6.47 17.80
N ASP C 334 -5.64 -7.72 17.56
CA ASP C 334 -6.19 -8.84 18.30
C ASP C 334 -5.75 -8.79 19.77
N HIS C 335 -4.47 -8.50 20.00
CA HIS C 335 -3.97 -8.39 21.38
C HIS C 335 -4.63 -7.20 22.05
N ILE C 336 -4.68 -6.08 21.36
CA ILE C 336 -5.29 -4.88 21.91
C ILE C 336 -6.71 -5.20 22.37
N GLN C 337 -7.49 -5.80 21.48
CA GLN C 337 -8.86 -6.16 21.82
C GLN C 337 -8.90 -7.12 23.02
N LYS C 338 -8.04 -8.12 23.01
CA LYS C 338 -7.99 -9.10 24.08
C LYS C 338 -7.73 -8.46 25.45
N LYS C 339 -6.70 -7.63 25.53
CA LYS C 339 -6.35 -6.98 26.78
C LYS C 339 -7.33 -5.94 27.28
N LEU C 340 -7.91 -5.17 26.38
CA LEU C 340 -8.85 -4.13 26.80
C LEU C 340 -10.20 -4.67 27.28
N GLN C 341 -10.70 -5.72 26.65
CA GLN C 341 -11.97 -6.30 27.09
C GLN C 341 -11.73 -6.91 28.47
N GLU C 342 -10.60 -7.57 28.63
CA GLU C 342 -10.25 -8.17 29.92
C GLU C 342 -10.19 -7.09 30.97
N ALA C 343 -10.04 -5.84 30.53
CA ALA C 343 -9.98 -4.70 31.44
C ALA C 343 -11.38 -4.12 31.67
N GLY C 344 -12.38 -4.69 30.99
CA GLY C 344 -13.74 -4.21 31.17
C GLY C 344 -14.36 -3.53 29.96
N TRP C 345 -13.58 -3.37 28.89
CA TRP C 345 -14.10 -2.72 27.68
C TRP C 345 -15.18 -3.58 27.02
N VAL C 346 -16.24 -2.94 26.58
CA VAL C 346 -17.34 -3.63 25.93
C VAL C 346 -17.55 -3.01 24.55
N PRO C 347 -17.06 -3.69 23.49
CA PRO C 347 -17.19 -3.21 22.11
C PRO C 347 -18.61 -2.83 21.71
N THR C 348 -18.73 -1.85 20.82
CA THR C 348 -20.02 -1.38 20.36
C THR C 348 -20.18 -1.60 18.85
N LYS C 349 -19.06 -1.85 18.17
CA LYS C 349 -19.07 -2.06 16.72
C LYS C 349 -18.00 -3.04 16.27
N TYR C 350 -18.41 -4.04 15.50
CA TYR C 350 -17.49 -5.05 14.98
C TYR C 350 -17.38 -4.98 13.47
N THR C 351 -16.53 -5.83 12.90
CA THR C 351 -16.34 -5.87 11.46
C THR C 351 -17.25 -6.95 10.86
N ASP C 352 -17.37 -6.97 9.54
CA ASP C 352 -18.20 -7.96 8.87
C ASP C 352 -17.71 -9.38 9.12
N LYS C 353 -16.55 -9.50 9.76
CA LYS C 353 -15.99 -10.81 10.05
C LYS C 353 -16.13 -11.16 11.52
N GLY C 354 -16.78 -10.29 12.28
CA GLY C 354 -17.00 -10.54 13.70
C GLY C 354 -16.01 -9.89 14.65
N ALA C 355 -14.81 -9.58 14.17
CA ALA C 355 -13.78 -8.97 15.01
C ALA C 355 -14.16 -7.54 15.40
N PRO C 356 -13.90 -7.16 16.67
CA PRO C 356 -14.22 -5.81 17.12
C PRO C 356 -13.33 -4.76 16.48
N VAL C 357 -13.91 -3.62 16.15
CA VAL C 357 -13.17 -2.54 15.51
C VAL C 357 -12.19 -1.90 16.48
N VAL C 358 -10.94 -1.80 16.06
CA VAL C 358 -9.91 -1.19 16.89
C VAL C 358 -9.19 -0.08 16.14
N ASP C 359 -9.91 0.98 15.79
CA ASP C 359 -9.29 2.09 15.09
C ASP C 359 -9.13 3.24 16.07
N ASP C 360 -8.39 4.26 15.66
CA ASP C 360 -8.13 5.43 16.50
C ASP C 360 -9.40 6.01 17.13
N GLU C 361 -10.48 6.05 16.37
CA GLU C 361 -11.74 6.60 16.86
C GLU C 361 -12.33 5.80 18.01
N VAL C 362 -12.33 4.47 17.90
CA VAL C 362 -12.88 3.65 18.98
C VAL C 362 -11.94 3.63 20.17
N LEU C 363 -10.63 3.57 19.92
CA LEU C 363 -9.66 3.56 21.01
C LEU C 363 -9.82 4.82 21.86
N GLU C 364 -10.07 5.94 21.21
CA GLU C 364 -10.24 7.20 21.90
C GLU C 364 -11.44 7.18 22.83
N GLY C 365 -12.46 6.41 22.48
CA GLY C 365 -13.66 6.33 23.29
C GLY C 365 -13.70 5.20 24.30
N VAL C 366 -12.68 4.36 24.31
CA VAL C 366 -12.64 3.25 25.25
C VAL C 366 -12.41 3.75 26.69
N ARG C 367 -13.24 3.28 27.60
CA ARG C 367 -13.13 3.65 29.01
C ARG C 367 -13.03 2.41 29.88
N VAL C 368 -11.94 2.31 30.65
CA VAL C 368 -11.73 1.18 31.56
C VAL C 368 -11.47 1.71 32.95
N ASP C 369 -11.70 0.89 33.97
CA ASP C 369 -11.48 1.29 35.37
C ASP C 369 -10.05 1.54 35.77
N ASP C 370 -9.18 0.55 35.58
CA ASP C 370 -7.77 0.70 35.94
C ASP C 370 -7.16 1.90 35.23
N PRO C 371 -6.73 2.92 35.99
CA PRO C 371 -6.13 4.13 35.43
C PRO C 371 -4.85 3.88 34.63
N GLU C 372 -4.09 2.86 34.99
CA GLU C 372 -2.87 2.57 34.26
C GLU C 372 -3.20 2.05 32.87
N LYS C 373 -4.18 1.15 32.79
CA LYS C 373 -4.59 0.58 31.52
C LYS C 373 -5.31 1.64 30.69
N GLN C 374 -6.02 2.54 31.36
CA GLN C 374 -6.72 3.61 30.67
C GLN C 374 -5.70 4.52 30.00
N ALA C 375 -4.62 4.84 30.71
CA ALA C 375 -3.59 5.72 30.17
C ALA C 375 -2.75 4.98 29.13
N ALA C 376 -2.73 3.66 29.20
CA ALA C 376 -1.95 2.86 28.27
C ALA C 376 -2.53 2.95 26.87
N ILE C 377 -3.81 3.31 26.78
CA ILE C 377 -4.47 3.44 25.49
C ILE C 377 -3.83 4.54 24.66
N ASP C 378 -3.37 5.61 25.32
CA ASP C 378 -2.71 6.70 24.61
C ASP C 378 -1.38 6.18 24.08
N LEU C 379 -0.72 5.32 24.86
CA LEU C 379 0.56 4.75 24.46
C LEU C 379 0.39 3.84 23.24
N ILE C 380 -0.75 3.15 23.19
CA ILE C 380 -1.03 2.27 22.08
C ILE C 380 -1.29 3.09 20.81
N LYS C 381 -2.07 4.15 20.94
CA LYS C 381 -2.36 5.01 19.79
C LYS C 381 -1.06 5.59 19.27
N GLU C 382 -0.21 6.06 20.19
CA GLU C 382 1.07 6.63 19.80
C GLU C 382 1.95 5.57 19.15
N TYR C 383 1.95 4.37 19.71
CA TYR C 383 2.75 3.28 19.16
C TYR C 383 2.34 2.97 17.72
N LEU C 384 1.03 2.92 17.48
CA LEU C 384 0.51 2.64 16.14
C LEU C 384 0.97 3.70 15.15
N MET C 385 0.92 4.96 15.55
CA MET C 385 1.35 6.06 14.69
C MET C 385 2.85 5.96 14.39
N ILE C 386 3.65 5.73 15.43
CA ILE C 386 5.10 5.59 15.27
C ILE C 386 5.45 4.49 14.28
N GLN C 387 4.75 3.37 14.40
CA GLN C 387 4.98 2.24 13.52
C GLN C 387 4.69 2.60 12.07
N LYS C 388 3.64 3.39 11.87
CA LYS C 388 3.29 3.83 10.53
C LYS C 388 4.41 4.68 9.94
N ARG C 389 5.00 5.56 10.76
CA ARG C 389 6.08 6.41 10.27
C ARG C 389 7.34 5.62 9.98
N ILE C 390 7.65 4.67 10.85
CA ILE C 390 8.84 3.84 10.70
C ILE C 390 8.71 2.96 9.45
N GLY C 391 7.52 2.40 9.25
CA GLY C 391 7.31 1.56 8.08
C GLY C 391 7.46 2.32 6.76
N GLN C 392 6.90 3.52 6.70
CA GLN C 392 6.97 4.31 5.48
C GLN C 392 8.35 4.88 5.20
N SER C 393 9.04 5.34 6.24
CA SER C 393 10.36 5.93 6.06
C SER C 393 11.54 4.98 6.09
N ALA C 394 11.48 3.92 6.90
CA ALA C 394 12.62 3.04 7.01
C ALA C 394 12.49 1.53 6.90
N GLU C 395 11.49 0.94 7.55
CA GLU C 395 11.38 -0.52 7.54
C GLU C 395 10.45 -1.18 6.52
N GLY C 396 9.45 -0.46 6.03
CA GLY C 396 8.56 -1.06 5.06
C GLY C 396 9.27 -1.48 3.78
N ASP C 397 8.66 -2.38 3.03
CA ASP C 397 9.22 -2.85 1.77
C ASP C 397 9.41 -1.70 0.77
N LYS C 398 8.59 -0.66 0.92
CA LYS C 398 8.63 0.52 0.04
C LYS C 398 9.13 1.74 0.80
N ALA C 399 9.90 1.51 1.86
CA ALA C 399 10.45 2.60 2.68
C ALA C 399 11.34 3.56 1.88
N TRP C 400 11.29 4.83 2.24
CA TRP C 400 12.09 5.83 1.55
C TRP C 400 13.57 5.49 1.54
N LEU C 401 14.08 5.03 2.67
CA LEU C 401 15.50 4.68 2.78
C LEU C 401 15.92 3.54 1.87
N ARG C 402 14.96 2.71 1.45
CA ARG C 402 15.27 1.57 0.56
C ARG C 402 15.23 2.01 -0.90
N TYR C 403 14.56 3.13 -1.16
CA TYR C 403 14.45 3.63 -2.52
C TYR C 403 15.40 4.75 -2.94
N VAL C 404 16.03 5.41 -1.98
CA VAL C 404 16.96 6.48 -2.34
C VAL C 404 18.08 5.93 -3.21
N ALA C 405 18.28 6.54 -4.38
CA ALA C 405 19.31 6.09 -5.30
C ALA C 405 20.67 6.72 -5.02
N GLU C 406 21.66 6.36 -5.85
CA GLU C 406 23.01 6.88 -5.70
C GLU C 406 23.11 8.39 -5.89
N ASP C 407 22.25 8.95 -6.74
CA ASP C 407 22.27 10.39 -6.97
C ASP C 407 21.62 11.19 -5.85
N GLY C 408 21.28 10.52 -4.75
CA GLY C 408 20.66 11.19 -3.62
C GLY C 408 19.22 11.61 -3.85
N LYS C 409 18.54 10.92 -4.75
CA LYS C 409 17.15 11.25 -5.04
C LYS C 409 16.26 10.01 -5.02
N ILE C 410 14.97 10.21 -4.80
CA ILE C 410 14.02 9.10 -4.81
C ILE C 410 13.27 9.26 -6.13
N HIS C 411 13.23 8.19 -6.92
CA HIS C 411 12.57 8.23 -8.21
C HIS C 411 11.25 7.45 -8.19
N GLY C 412 10.25 7.99 -7.49
CA GLY C 412 8.96 7.33 -7.41
C GLY C 412 8.30 7.20 -8.76
N SER C 413 7.54 6.12 -8.96
CA SER C 413 6.87 5.90 -10.24
C SER C 413 5.53 6.60 -10.24
N VAL C 414 5.07 6.96 -11.43
CA VAL C 414 3.79 7.59 -11.60
C VAL C 414 3.09 6.97 -12.80
N ASN C 415 1.83 6.62 -12.63
CA ASN C 415 1.02 6.08 -13.72
C ASN C 415 0.18 7.32 -14.02
N PRO C 416 0.52 8.05 -15.09
CA PRO C 416 -0.17 9.29 -15.52
C PRO C 416 -1.68 9.25 -15.58
N ASN C 417 -2.24 8.06 -15.74
CA ASN C 417 -3.69 7.94 -15.82
C ASN C 417 -4.10 6.65 -15.12
N GLY C 418 -3.58 6.44 -13.93
CA GLY C 418 -3.88 5.23 -13.18
C GLY C 418 -5.25 5.15 -12.53
N ALA C 419 -5.90 6.30 -12.33
CA ALA C 419 -7.22 6.31 -11.70
C ALA C 419 -8.31 6.44 -12.75
N VAL C 420 -9.44 5.80 -12.50
CA VAL C 420 -10.58 5.83 -13.43
C VAL C 420 -10.97 7.24 -13.85
N THR C 421 -10.86 8.19 -12.93
CA THR C 421 -11.22 9.58 -13.19
C THR C 421 -10.22 10.36 -14.05
N GLY C 422 -9.03 9.81 -14.26
CA GLY C 422 -8.03 10.53 -15.04
C GLY C 422 -6.90 11.03 -14.16
N ARG C 423 -7.03 10.81 -12.85
CA ARG C 423 -5.97 11.20 -11.94
C ARG C 423 -4.84 10.21 -12.14
N ALA C 424 -3.64 10.61 -11.74
CA ALA C 424 -2.49 9.74 -11.83
C ALA C 424 -2.41 8.97 -10.52
N THR C 425 -1.67 7.86 -10.53
CA THR C 425 -1.46 7.09 -9.31
C THR C 425 0.06 7.12 -9.10
N HIS C 426 0.49 7.04 -7.85
CA HIS C 426 1.92 7.11 -7.54
C HIS C 426 2.34 5.91 -6.70
N ALA C 427 3.52 5.36 -6.98
CA ALA C 427 3.98 4.19 -6.23
C ALA C 427 5.48 3.98 -6.34
N PHE C 428 6.00 3.14 -5.45
CA PHE C 428 7.41 2.76 -5.43
C PHE C 428 8.46 3.84 -5.22
N PRO C 429 8.34 4.66 -4.16
CA PRO C 429 7.30 4.64 -3.12
C PRO C 429 6.23 5.63 -3.58
N ASN C 430 5.12 5.71 -2.85
CA ASN C 430 4.04 6.63 -3.21
C ASN C 430 4.35 8.00 -2.63
N LEU C 431 4.87 8.89 -3.47
CA LEU C 431 5.23 10.23 -3.03
C LEU C 431 4.04 11.17 -2.86
N ALA C 432 2.84 10.63 -3.05
CA ALA C 432 1.61 11.41 -2.88
C ALA C 432 0.97 11.09 -1.53
N GLN C 433 1.69 10.39 -0.66
CA GLN C 433 1.15 10.06 0.66
C GLN C 433 2.15 10.38 1.78
N ILE C 434 3.08 11.29 1.53
CA ILE C 434 4.06 11.68 2.55
C ILE C 434 3.27 12.42 3.63
N PRO C 435 3.49 12.11 4.91
CA PRO C 435 2.78 12.78 6.00
C PRO C 435 2.83 14.30 5.89
N GLY C 436 1.68 14.96 6.04
CA GLY C 436 1.61 16.41 5.95
C GLY C 436 2.26 17.09 7.15
N VAL C 437 2.63 18.36 6.99
CA VAL C 437 3.29 19.11 8.05
C VAL C 437 2.48 19.24 9.34
N ARG C 438 1.17 19.07 9.27
CA ARG C 438 0.34 19.17 10.47
C ARG C 438 0.23 17.88 11.28
N SER C 439 0.67 16.75 10.70
CA SER C 439 0.60 15.48 11.40
C SER C 439 1.93 15.20 12.13
N PRO C 440 1.91 14.33 13.15
CA PRO C 440 3.10 13.99 13.93
C PRO C 440 4.31 13.60 13.07
N TYR C 441 5.43 14.29 13.29
CA TYR C 441 6.67 14.05 12.55
C TYR C 441 6.57 14.48 11.09
N GLY C 442 5.45 15.09 10.73
CA GLY C 442 5.26 15.54 9.35
C GLY C 442 6.28 16.54 8.88
N GLU C 443 6.66 17.47 9.76
CA GLU C 443 7.63 18.50 9.38
C GLU C 443 8.98 17.90 9.04
N GLN C 444 9.41 16.88 9.78
CA GLN C 444 10.69 16.25 9.50
C GLN C 444 10.64 15.45 8.21
N CYS C 445 9.54 14.73 8.00
CA CYS C 445 9.36 13.93 6.80
C CYS C 445 9.39 14.83 5.58
N ARG C 446 8.53 15.83 5.60
CA ARG C 446 8.39 16.79 4.51
C ARG C 446 9.68 17.55 4.20
N ALA C 447 10.41 17.93 5.24
CA ALA C 447 11.66 18.67 5.08
C ALA C 447 12.75 17.86 4.40
N ALA C 448 12.66 16.53 4.50
CA ALA C 448 13.67 15.67 3.90
C ALA C 448 13.55 15.59 2.38
N PHE C 449 12.41 16.02 1.84
CA PHE C 449 12.17 16.03 0.40
C PHE C 449 12.28 17.50 -0.03
N GLY C 450 13.33 17.84 -0.76
CA GLY C 450 13.47 19.22 -1.17
C GLY C 450 14.61 19.53 -2.12
N ALA C 451 14.41 20.56 -2.93
CA ALA C 451 15.41 20.99 -3.88
C ALA C 451 16.72 21.35 -3.19
N GLU C 452 16.63 21.83 -1.95
CA GLU C 452 17.83 22.21 -1.19
C GLU C 452 18.80 21.06 -1.03
N HIS C 453 18.29 19.82 -1.09
CA HIS C 453 19.15 18.64 -0.94
C HIS C 453 19.88 18.27 -2.23
N HIS C 454 19.65 19.03 -3.29
CA HIS C 454 20.39 18.80 -4.54
C HIS C 454 21.39 19.96 -4.69
N LEU C 455 22.66 19.64 -4.87
CA LEU C 455 23.70 20.65 -5.03
C LEU C 455 23.98 20.79 -6.53
N ASP C 456 24.01 22.03 -7.02
CA ASP C 456 24.24 22.23 -8.45
C ASP C 456 25.48 21.52 -8.98
N GLY C 457 25.33 20.90 -10.13
CA GLY C 457 26.43 20.17 -10.75
C GLY C 457 27.64 21.00 -11.11
N ILE C 458 27.45 22.30 -11.27
CA ILE C 458 28.56 23.18 -11.61
C ILE C 458 29.06 23.93 -10.37
N THR C 459 28.18 24.69 -9.75
CA THR C 459 28.52 25.52 -8.60
C THR C 459 28.51 24.87 -7.23
N GLY C 460 27.83 23.71 -7.10
CA GLY C 460 27.76 23.05 -5.81
C GLY C 460 26.77 23.73 -4.87
N LYS C 461 26.07 24.74 -5.36
CA LYS C 461 25.11 25.45 -4.52
C LYS C 461 23.75 24.73 -4.57
N PRO C 462 23.07 24.67 -3.43
CA PRO C 462 21.75 24.02 -3.36
C PRO C 462 20.73 24.71 -4.24
N TRP C 463 19.80 23.93 -4.79
CA TRP C 463 18.75 24.48 -5.62
C TRP C 463 17.63 24.97 -4.70
N VAL C 464 16.68 25.69 -5.27
CA VAL C 464 15.55 26.24 -4.52
C VAL C 464 14.25 25.59 -5.03
N GLN C 465 13.24 25.57 -4.18
CA GLN C 465 11.99 24.93 -4.53
C GLN C 465 10.81 25.88 -4.74
N ALA C 466 10.00 25.58 -5.76
CA ALA C 466 8.81 26.35 -6.03
C ALA C 466 7.65 25.37 -5.88
N GLY C 467 6.78 25.63 -4.91
CA GLY C 467 5.63 24.78 -4.69
C GLY C 467 4.38 25.51 -5.13
N ILE C 468 3.72 25.00 -6.17
CA ILE C 468 2.51 25.63 -6.69
C ILE C 468 1.29 24.72 -6.58
N ASP C 469 0.17 25.28 -6.14
CA ASP C 469 -1.06 24.50 -5.99
C ASP C 469 -2.27 25.22 -6.61
N ALA C 470 -3.20 24.44 -7.12
CA ALA C 470 -4.42 25.00 -7.70
C ALA C 470 -5.29 25.39 -6.51
N SER C 471 -5.91 26.56 -6.56
CA SER C 471 -6.73 27.04 -5.45
C SER C 471 -8.17 26.53 -5.48
N GLY C 472 -8.59 25.87 -4.39
CA GLY C 472 -9.94 25.34 -4.27
C GLY C 472 -10.49 24.82 -5.58
N LEU C 473 -9.72 24.00 -6.27
CA LEU C 473 -10.11 23.46 -7.57
C LEU C 473 -11.44 22.70 -7.59
N GLU C 474 -11.66 21.83 -6.62
CA GLU C 474 -12.90 21.06 -6.58
C GLU C 474 -14.15 21.95 -6.55
N LEU C 475 -14.14 22.97 -5.69
CA LEU C 475 -15.30 23.86 -5.60
C LEU C 475 -15.45 24.71 -6.86
N ARG C 476 -14.34 25.08 -7.48
CA ARG C 476 -14.42 25.87 -8.70
C ARG C 476 -14.97 25.02 -9.84
N CYS C 477 -14.65 23.73 -9.81
CA CYS C 477 -15.16 22.83 -10.84
C CYS C 477 -16.67 22.70 -10.65
N LEU C 478 -17.12 22.66 -9.40
CA LEU C 478 -18.55 22.56 -9.11
C LEU C 478 -19.25 23.83 -9.62
N ALA C 479 -18.66 24.99 -9.34
CA ALA C 479 -19.23 26.26 -9.77
C ALA C 479 -19.35 26.30 -11.29
N HIS C 480 -18.35 25.77 -11.97
CA HIS C 480 -18.38 25.74 -13.42
C HIS C 480 -19.58 24.96 -13.90
N PHE C 481 -19.75 23.73 -13.39
CA PHE C 481 -20.86 22.91 -13.81
C PHE C 481 -22.26 23.40 -13.40
N MET C 482 -22.37 24.19 -12.35
CA MET C 482 -23.69 24.67 -11.97
C MET C 482 -24.05 25.99 -12.67
N ALA C 483 -23.07 26.56 -13.37
CA ALA C 483 -23.23 27.82 -14.08
C ALA C 483 -24.36 27.80 -15.11
N ARG C 484 -24.59 26.67 -15.75
CA ARG C 484 -25.68 26.62 -16.72
C ARG C 484 -27.02 26.67 -15.97
N PHE C 485 -26.97 26.54 -14.65
CA PHE C 485 -28.18 26.57 -13.84
C PHE C 485 -28.29 27.84 -13.00
N ASP C 486 -27.15 28.39 -12.56
CA ASP C 486 -27.19 29.61 -11.74
C ASP C 486 -26.52 30.80 -12.42
N ASN C 487 -26.14 30.62 -13.68
CA ASN C 487 -25.51 31.68 -14.45
C ASN C 487 -24.21 32.24 -13.87
N GLY C 488 -23.48 31.42 -13.14
CA GLY C 488 -22.23 31.87 -12.55
C GLY C 488 -22.34 32.43 -11.16
N GLU C 489 -23.49 32.24 -10.52
CA GLU C 489 -23.71 32.75 -9.16
C GLU C 489 -22.73 32.14 -8.16
N TYR C 490 -22.64 30.82 -8.16
CA TYR C 490 -21.73 30.14 -7.24
C TYR C 490 -20.28 30.57 -7.52
N ALA C 491 -19.93 30.66 -8.79
CA ALA C 491 -18.58 31.07 -9.18
C ALA C 491 -18.26 32.48 -8.68
N HIS C 492 -19.21 33.39 -8.87
CA HIS C 492 -19.02 34.77 -8.43
C HIS C 492 -18.76 34.83 -6.93
N GLU C 493 -19.45 33.99 -6.18
CA GLU C 493 -19.31 33.95 -4.73
C GLU C 493 -17.94 33.41 -4.30
N ILE C 494 -17.44 32.42 -5.02
CA ILE C 494 -16.15 31.83 -4.69
C ILE C 494 -15.02 32.86 -4.70
N LEU C 495 -14.89 33.62 -5.78
CA LEU C 495 -13.83 34.60 -5.85
C LEU C 495 -14.18 36.01 -5.38
N ASN C 496 -15.42 36.17 -4.93
CA ASN C 496 -15.90 37.46 -4.42
C ASN C 496 -16.84 37.20 -3.27
N GLY C 497 -16.31 37.18 -2.06
CA GLY C 497 -17.13 36.91 -0.90
C GLY C 497 -16.71 35.60 -0.27
N ASP C 498 -17.60 34.97 0.49
CA ASP C 498 -17.27 33.72 1.14
C ASP C 498 -18.25 32.63 0.75
N ILE C 499 -17.74 31.61 0.06
CA ILE C 499 -18.58 30.50 -0.38
C ILE C 499 -18.89 29.55 0.78
N HIS C 500 -17.93 29.42 1.71
CA HIS C 500 -18.11 28.55 2.86
C HIS C 500 -19.16 29.07 3.84
N THR C 501 -19.22 30.38 4.04
CA THR C 501 -20.21 30.95 4.93
C THR C 501 -21.54 30.90 4.20
N LYS C 502 -21.47 30.97 2.87
CA LYS C 502 -22.66 30.91 2.04
C LYS C 502 -23.29 29.52 2.14
N ASN C 503 -22.45 28.49 2.21
CA ASN C 503 -22.96 27.13 2.33
C ASN C 503 -23.42 26.88 3.77
N GLN C 504 -22.75 27.52 4.72
CA GLN C 504 -23.10 27.37 6.12
C GLN C 504 -24.55 27.77 6.34
N ILE C 505 -24.92 28.95 5.82
CA ILE C 505 -26.28 29.45 5.94
C ILE C 505 -27.24 28.52 5.19
N ALA C 506 -26.80 28.05 4.03
CA ALA C 506 -27.61 27.16 3.20
C ALA C 506 -27.95 25.86 3.91
N ALA C 507 -27.02 25.35 4.70
CA ALA C 507 -27.22 24.10 5.41
C ALA C 507 -27.34 24.27 6.93
N GLU C 508 -28.05 25.32 7.35
CA GLU C 508 -28.27 25.62 8.77
C GLU C 508 -27.19 25.01 9.66
N LEU C 509 -25.95 25.47 9.51
CA LEU C 509 -24.85 24.95 10.32
C LEU C 509 -24.37 25.96 11.35
N PRO C 510 -23.88 25.48 12.50
CA PRO C 510 -23.38 26.30 13.60
C PRO C 510 -22.07 27.02 13.33
N THR C 511 -21.05 26.26 12.92
CA THR C 511 -19.75 26.83 12.63
C THR C 511 -19.42 26.81 11.14
N ARG C 512 -18.76 27.86 10.66
CA ARG C 512 -18.37 27.95 9.27
C ARG C 512 -17.51 26.73 8.95
N ASP C 513 -16.69 26.33 9.92
CA ASP C 513 -15.82 25.17 9.77
C ASP C 513 -16.66 23.94 9.47
N ASN C 514 -17.87 23.92 10.03
CA ASN C 514 -18.77 22.79 9.79
C ASN C 514 -19.19 22.80 8.33
N ALA C 515 -19.28 23.99 7.75
CA ALA C 515 -19.66 24.12 6.35
C ALA C 515 -18.60 23.47 5.47
N LYS C 516 -17.35 23.89 5.65
CA LYS C 516 -16.24 23.34 4.88
C LYS C 516 -16.19 21.83 5.04
N THR C 517 -16.47 21.35 6.25
CA THR C 517 -16.47 19.93 6.54
C THR C 517 -17.63 19.25 5.81
N PHE C 518 -18.75 19.94 5.75
CA PHE C 518 -19.96 19.43 5.10
C PHE C 518 -19.85 19.34 3.59
N ILE C 519 -19.33 20.40 2.97
CA ILE C 519 -19.21 20.46 1.52
C ILE C 519 -18.25 19.42 0.94
N TYR C 520 -17.00 19.43 1.40
CA TYR C 520 -16.01 18.50 0.91
C TYR C 520 -16.39 17.05 1.16
N GLY C 521 -17.49 16.84 1.88
CA GLY C 521 -17.94 15.50 2.18
C GLY C 521 -19.24 15.19 1.45
N PHE C 522 -20.00 16.25 1.16
CA PHE C 522 -21.26 16.11 0.44
C PHE C 522 -20.96 15.69 -1.00
N LEU C 523 -19.80 16.11 -1.48
CA LEU C 523 -19.36 15.80 -2.83
C LEU C 523 -18.85 14.37 -2.93
N TYR C 524 -18.50 13.78 -1.79
CA TYR C 524 -18.01 12.41 -1.75
C TYR C 524 -19.17 11.43 -1.56
N GLY C 525 -20.38 11.90 -1.84
CA GLY C 525 -21.57 11.08 -1.72
C GLY C 525 -21.92 10.64 -0.31
N ALA C 526 -21.36 11.32 0.69
CA ALA C 526 -21.62 10.98 2.09
C ALA C 526 -22.91 11.62 2.57
N ILE C 531 -21.15 11.22 8.71
CA ILE C 531 -22.32 11.95 8.14
C ILE C 531 -22.73 13.14 9.02
N GLY C 532 -23.40 12.85 10.12
CA GLY C 532 -23.84 13.89 11.03
C GLY C 532 -22.81 14.20 12.09
N GLN C 533 -21.67 13.50 12.03
CA GLN C 533 -20.59 13.69 13.00
C GLN C 533 -20.07 15.12 12.92
N ILE C 534 -20.60 15.90 11.98
CA ILE C 534 -20.21 17.29 11.82
C ILE C 534 -20.75 18.12 12.97
N VAL C 535 -22.02 17.91 13.29
CA VAL C 535 -22.67 18.64 14.37
C VAL C 535 -22.61 17.83 15.67
N GLY C 536 -22.80 16.52 15.56
CA GLY C 536 -22.77 15.67 16.72
C GLY C 536 -23.91 14.66 16.72
N ALA C 537 -24.78 14.78 15.73
CA ALA C 537 -25.92 13.87 15.60
C ALA C 537 -25.53 12.69 14.70
N GLY C 538 -26.45 12.25 13.86
CA GLY C 538 -26.14 11.14 12.98
C GLY C 538 -27.32 10.32 12.48
N LYS C 539 -27.25 9.90 11.22
CA LYS C 539 -28.28 9.09 10.58
C LYS C 539 -29.72 9.54 10.83
N GLU C 540 -29.89 10.76 11.32
CA GLU C 540 -31.21 11.31 11.60
C GLU C 540 -31.24 12.78 11.21
N ARG C 541 -30.34 13.55 11.80
CA ARG C 541 -30.25 14.98 11.52
C ARG C 541 -29.59 15.14 10.15
N GLY C 542 -28.72 14.18 9.81
CA GLY C 542 -28.04 14.24 8.53
C GLY C 542 -28.98 14.38 7.36
N LYS C 543 -30.04 13.57 7.35
CA LYS C 543 -31.03 13.62 6.27
C LYS C 543 -31.60 15.02 6.16
N GLU C 544 -31.82 15.66 7.31
CA GLU C 544 -32.37 17.01 7.34
C GLU C 544 -31.37 18.05 6.85
N LEU C 545 -30.09 17.76 7.01
CA LEU C 545 -29.04 18.69 6.56
C LEU C 545 -28.91 18.73 5.05
N LYS C 546 -29.06 17.58 4.41
CA LYS C 546 -28.97 17.49 2.95
C LYS C 546 -30.14 18.23 2.31
N LYS C 547 -31.35 17.84 2.67
CA LYS C 547 -32.56 18.46 2.12
C LYS C 547 -32.52 19.98 2.26
N LYS C 548 -32.07 20.46 3.42
CA LYS C 548 -31.98 21.89 3.68
C LYS C 548 -30.94 22.56 2.80
N PHE C 549 -29.81 21.89 2.59
CA PHE C 549 -28.74 22.44 1.75
C PHE C 549 -29.22 22.51 0.30
N LEU C 550 -29.61 21.36 -0.25
CA LEU C 550 -30.07 21.28 -1.62
C LEU C 550 -31.26 22.20 -1.87
N GLU C 551 -32.05 22.44 -0.82
CA GLU C 551 -33.21 23.31 -0.94
C GLU C 551 -32.79 24.76 -1.10
N ASN C 552 -31.72 25.15 -0.42
CA ASN C 552 -31.22 26.52 -0.52
C ASN C 552 -30.11 26.68 -1.56
N THR C 553 -29.85 25.61 -2.30
CA THR C 553 -28.83 25.62 -3.35
C THR C 553 -29.42 24.85 -4.52
N PRO C 554 -30.53 25.34 -5.09
CA PRO C 554 -31.20 24.70 -6.22
C PRO C 554 -30.32 24.30 -7.40
N ALA C 555 -29.30 25.10 -7.68
CA ALA C 555 -28.41 24.81 -8.80
C ALA C 555 -27.71 23.46 -8.66
N ILE C 556 -27.33 23.09 -7.45
CA ILE C 556 -26.66 21.80 -7.24
C ILE C 556 -27.63 20.65 -7.43
N ALA C 557 -28.89 20.88 -7.06
CA ALA C 557 -29.91 19.84 -7.21
C ALA C 557 -30.16 19.64 -8.70
N ALA C 558 -30.20 20.75 -9.44
CA ALA C 558 -30.41 20.69 -10.89
C ALA C 558 -29.26 19.93 -11.54
N LEU C 559 -28.03 20.24 -11.14
CA LEU C 559 -26.86 19.56 -11.70
C LEU C 559 -26.95 18.05 -11.43
N ARG C 560 -27.28 17.68 -10.20
CA ARG C 560 -27.40 16.27 -9.87
C ARG C 560 -28.43 15.59 -10.75
N GLU C 561 -29.61 16.19 -10.85
CA GLU C 561 -30.68 15.63 -11.67
C GLU C 561 -30.24 15.45 -13.12
N SER C 562 -29.65 16.48 -13.71
CA SER C 562 -29.19 16.41 -15.09
C SER C 562 -28.22 15.26 -15.29
N ILE C 563 -27.27 15.11 -14.36
CA ILE C 563 -26.30 14.03 -14.44
C ILE C 563 -27.01 12.68 -14.45
N GLN C 564 -27.93 12.48 -13.50
CA GLN C 564 -28.70 11.24 -13.39
C GLN C 564 -29.45 10.89 -14.66
N GLN C 565 -30.31 11.80 -15.11
CA GLN C 565 -31.09 11.59 -16.33
C GLN C 565 -30.21 11.21 -17.52
N THR C 566 -28.93 11.55 -17.42
CA THR C 566 -27.99 11.24 -18.49
C THR C 566 -27.47 9.81 -18.40
N LEU C 567 -27.27 9.33 -17.17
CA LEU C 567 -26.72 7.99 -16.95
C LEU C 567 -27.71 6.87 -16.62
N VAL C 568 -28.60 7.12 -15.67
CA VAL C 568 -29.55 6.11 -15.23
C VAL C 568 -30.93 6.19 -15.88
N GLU C 569 -31.66 5.08 -15.82
CA GLU C 569 -33.00 5.00 -16.38
C GLU C 569 -33.92 4.29 -15.38
N SER C 570 -33.31 3.64 -14.40
CA SER C 570 -34.06 2.93 -13.36
C SER C 570 -33.12 2.20 -12.41
N VAL C 580 -28.89 -1.71 -11.08
CA VAL C 580 -29.13 -0.45 -11.77
C VAL C 580 -29.11 -0.65 -13.29
N LYS C 581 -30.10 -0.07 -13.96
CA LYS C 581 -30.17 -0.17 -15.42
C LYS C 581 -29.69 1.15 -15.99
N TRP C 582 -28.54 1.10 -16.67
CA TRP C 582 -27.95 2.31 -17.24
C TRP C 582 -28.38 2.64 -18.65
N LYS C 583 -28.22 3.92 -18.98
CA LYS C 583 -28.53 4.45 -20.30
C LYS C 583 -27.16 4.68 -20.93
N ARG C 584 -26.19 4.94 -20.08
CA ARG C 584 -24.80 5.18 -20.45
C ARG C 584 -24.01 5.14 -19.15
N ARG C 585 -22.99 4.29 -19.07
CA ARG C 585 -22.22 4.20 -17.83
C ARG C 585 -20.94 5.05 -17.81
N TRP C 586 -20.93 6.14 -18.55
CA TRP C 586 -19.77 7.03 -18.56
C TRP C 586 -20.16 8.47 -18.80
N ILE C 587 -19.27 9.37 -18.39
CA ILE C 587 -19.46 10.80 -18.54
C ILE C 587 -18.36 11.31 -19.45
N LYS C 588 -18.65 12.35 -20.22
CA LYS C 588 -17.65 12.91 -21.13
C LYS C 588 -16.74 13.84 -20.36
N GLY C 589 -15.44 13.54 -20.35
CA GLY C 589 -14.48 14.38 -19.65
C GLY C 589 -14.22 15.67 -20.41
N LEU C 590 -13.52 16.60 -19.78
CA LEU C 590 -13.20 17.89 -20.39
C LEU C 590 -12.48 17.78 -21.74
N ASP C 591 -11.69 16.74 -21.93
CA ASP C 591 -10.99 16.59 -23.21
C ASP C 591 -11.71 15.60 -24.10
N GLY C 592 -12.98 15.33 -23.77
CA GLY C 592 -13.79 14.44 -24.57
C GLY C 592 -13.76 12.95 -24.28
N ARG C 593 -12.82 12.50 -23.46
CA ARG C 593 -12.72 11.07 -23.16
C ARG C 593 -13.91 10.56 -22.36
N LYS C 594 -14.06 9.24 -22.36
CA LYS C 594 -15.12 8.61 -21.59
C LYS C 594 -14.57 8.41 -20.17
N VAL C 595 -15.37 8.72 -19.17
CA VAL C 595 -14.97 8.52 -17.79
C VAL C 595 -15.99 7.60 -17.15
N HIS C 596 -15.57 6.36 -16.90
CA HIS C 596 -16.45 5.36 -16.32
C HIS C 596 -17.05 5.78 -14.99
N VAL C 597 -18.36 5.59 -14.84
CA VAL C 597 -19.05 5.91 -13.60
C VAL C 597 -19.33 4.59 -12.89
N ARG C 598 -18.70 4.39 -11.73
CA ARG C 598 -18.87 3.15 -10.97
C ARG C 598 -20.23 3.05 -10.29
N SER C 599 -20.73 4.17 -9.78
CA SER C 599 -22.00 4.15 -9.09
C SER C 599 -22.77 5.46 -9.29
N PRO C 600 -24.11 5.38 -9.37
CA PRO C 600 -24.96 6.55 -9.56
C PRO C 600 -24.78 7.62 -8.47
N HIS C 601 -24.54 7.19 -7.24
CA HIS C 601 -24.36 8.14 -6.13
C HIS C 601 -23.03 8.89 -6.20
N ALA C 602 -22.03 8.26 -6.81
CA ALA C 602 -20.71 8.87 -6.93
C ALA C 602 -20.51 9.57 -8.28
N ALA C 603 -21.57 9.63 -9.07
CA ALA C 603 -21.52 10.26 -10.39
C ALA C 603 -21.03 11.71 -10.38
N LEU C 604 -21.54 12.51 -9.44
CA LEU C 604 -21.13 13.91 -9.34
C LEU C 604 -19.67 14.00 -8.94
N ASN C 605 -19.24 13.17 -8.01
CA ASN C 605 -17.87 13.17 -7.57
C ASN C 605 -16.97 12.80 -8.75
N THR C 606 -17.40 11.83 -9.54
CA THR C 606 -16.64 11.40 -10.69
C THR C 606 -16.48 12.58 -11.64
N LEU C 607 -17.59 13.29 -11.90
CA LEU C 607 -17.55 14.44 -12.79
C LEU C 607 -16.58 15.53 -12.28
N LEU C 608 -16.69 15.84 -10.98
CA LEU C 608 -15.84 16.86 -10.39
C LEU C 608 -14.36 16.47 -10.28
N GLN C 609 -14.09 15.26 -9.79
CA GLN C 609 -12.71 14.79 -9.65
C GLN C 609 -12.02 14.68 -11.01
N SER C 610 -12.75 14.26 -12.03
CA SER C 610 -12.19 14.12 -13.37
C SER C 610 -11.87 15.48 -13.95
N ALA C 611 -12.76 16.45 -13.72
CA ALA C 611 -12.56 17.81 -14.22
C ALA C 611 -11.27 18.38 -13.59
N GLY C 612 -11.13 18.22 -12.28
CA GLY C 612 -9.95 18.72 -11.61
C GLY C 612 -8.69 18.04 -12.12
N ALA C 613 -8.77 16.71 -12.30
CA ALA C 613 -7.65 15.93 -12.78
C ALA C 613 -7.18 16.36 -14.17
N LEU C 614 -8.12 16.52 -15.12
CA LEU C 614 -7.75 16.90 -16.46
C LEU C 614 -7.24 18.34 -16.50
N ILE C 615 -7.81 19.18 -15.64
CA ILE C 615 -7.37 20.56 -15.57
C ILE C 615 -5.92 20.60 -15.08
N CYS C 616 -5.62 19.87 -14.01
CA CYS C 616 -4.25 19.86 -13.48
C CYS C 616 -3.28 19.20 -14.43
N LYS C 617 -3.77 18.22 -15.20
CA LYS C 617 -2.91 17.53 -16.15
C LYS C 617 -2.49 18.48 -17.28
N LEU C 618 -3.44 19.20 -17.86
CA LEU C 618 -3.14 20.14 -18.94
C LEU C 618 -2.31 21.30 -18.38
N TRP C 619 -2.60 21.66 -17.14
CA TRP C 619 -1.88 22.75 -16.47
C TRP C 619 -0.37 22.49 -16.35
N ILE C 620 0.02 21.32 -15.86
CA ILE C 620 1.46 21.03 -15.70
C ILE C 620 2.12 20.89 -17.07
N ILE C 621 1.37 20.43 -18.05
CA ILE C 621 1.90 20.29 -19.40
C ILE C 621 2.16 21.68 -19.99
N LYS C 622 1.17 22.56 -19.86
CA LYS C 622 1.28 23.92 -20.39
C LYS C 622 2.36 24.70 -19.65
N THR C 623 2.42 24.54 -18.34
CA THR C 623 3.43 25.24 -17.54
C THR C 623 4.84 24.92 -18.03
N GLU C 624 5.15 23.64 -18.25
CA GLU C 624 6.48 23.27 -18.71
C GLU C 624 6.73 23.79 -20.12
N GLU C 625 5.71 23.72 -20.99
CA GLU C 625 5.88 24.22 -22.35
C GLU C 625 6.19 25.73 -22.36
N MET C 626 5.54 26.48 -21.49
CA MET C 626 5.75 27.92 -21.40
C MET C 626 7.15 28.24 -20.85
N LEU C 627 7.60 27.44 -19.89
CA LEU C 627 8.93 27.65 -19.32
C LEU C 627 9.97 27.39 -20.41
N VAL C 628 9.75 26.35 -21.20
CA VAL C 628 10.66 26.03 -22.29
C VAL C 628 10.63 27.13 -23.34
N GLU C 629 9.45 27.65 -23.67
CA GLU C 629 9.39 28.71 -24.68
C GLU C 629 10.05 30.00 -24.19
N LYS C 630 10.17 30.15 -22.88
CA LYS C 630 10.83 31.33 -22.33
C LYS C 630 12.34 31.14 -22.36
N GLY C 631 12.78 29.94 -22.73
CA GLY C 631 14.20 29.68 -22.80
C GLY C 631 14.80 28.87 -21.67
N LEU C 632 13.98 28.44 -20.72
CA LEU C 632 14.47 27.65 -19.60
C LEU C 632 14.65 26.18 -19.98
N LYS C 633 15.70 25.56 -19.45
CA LYS C 633 16.01 24.17 -19.76
C LYS C 633 15.56 23.21 -18.65
N HIS C 634 14.79 22.20 -19.02
CA HIS C 634 14.28 21.22 -18.07
C HIS C 634 15.30 20.13 -17.74
N GLY C 635 15.79 20.12 -16.51
CA GLY C 635 16.77 19.12 -16.09
C GLY C 635 17.72 19.66 -15.03
N TRP C 636 18.44 18.77 -14.36
CA TRP C 636 19.38 19.20 -13.34
C TRP C 636 20.59 19.89 -13.99
N ASP C 637 20.77 19.66 -15.28
CA ASP C 637 21.86 20.27 -16.03
C ASP C 637 21.33 21.55 -16.66
N GLY C 638 20.11 21.94 -16.26
CA GLY C 638 19.52 23.13 -16.82
C GLY C 638 19.08 24.18 -15.81
N ASP C 639 17.81 24.58 -15.89
CA ASP C 639 17.26 25.60 -15.03
C ASP C 639 16.21 25.15 -14.02
N PHE C 640 15.38 24.18 -14.37
CA PHE C 640 14.34 23.71 -13.45
C PHE C 640 14.12 22.21 -13.63
N ALA C 641 13.48 21.58 -12.66
CA ALA C 641 13.21 20.16 -12.72
C ALA C 641 11.96 19.78 -11.94
N TYR C 642 10.97 19.23 -12.64
CA TYR C 642 9.74 18.77 -12.02
C TYR C 642 10.17 17.66 -11.07
N MET C 643 9.75 17.71 -9.82
CA MET C 643 10.13 16.68 -8.85
C MET C 643 8.94 15.85 -8.39
N ALA C 644 7.77 16.47 -8.32
CA ALA C 644 6.59 15.77 -7.90
C ALA C 644 5.30 16.45 -8.35
N TRP C 645 4.32 15.63 -8.69
CA TRP C 645 3.00 16.10 -9.08
C TRP C 645 2.01 15.34 -8.22
N VAL C 646 1.40 16.04 -7.28
CA VAL C 646 0.45 15.42 -6.37
C VAL C 646 -0.96 15.99 -6.58
N HIS C 647 -1.64 15.46 -7.59
CA HIS C 647 -3.00 15.86 -7.93
C HIS C 647 -3.21 17.33 -8.27
N ASP C 648 -3.27 18.19 -7.26
CA ASP C 648 -3.49 19.62 -7.52
C ASP C 648 -2.29 20.52 -7.22
N GLU C 649 -1.12 19.92 -7.03
CA GLU C 649 0.09 20.69 -6.76
C GLU C 649 1.31 20.08 -7.43
N ILE C 650 2.30 20.91 -7.69
CA ILE C 650 3.55 20.46 -8.26
C ILE C 650 4.66 21.09 -7.45
N GLN C 651 5.76 20.35 -7.32
CA GLN C 651 6.94 20.85 -6.60
C GLN C 651 8.02 20.86 -7.66
N VAL C 652 8.63 22.02 -7.88
CA VAL C 652 9.65 22.16 -8.91
C VAL C 652 10.98 22.66 -8.37
N GLY C 653 12.06 21.98 -8.74
CA GLY C 653 13.39 22.39 -8.32
C GLY C 653 13.87 23.45 -9.29
N CYS C 654 14.46 24.53 -8.76
CA CYS C 654 14.94 25.63 -9.59
C CYS C 654 16.39 26.00 -9.25
N ARG C 655 17.22 26.20 -10.27
CA ARG C 655 18.63 26.51 -10.05
C ARG C 655 18.85 27.78 -9.23
N THR C 656 17.93 28.74 -9.36
CA THR C 656 18.04 30.01 -8.63
C THR C 656 16.66 30.50 -8.21
N GLU C 657 16.65 31.48 -7.30
CA GLU C 657 15.40 32.05 -6.82
C GLU C 657 14.68 32.83 -7.91
N GLU C 658 15.46 33.46 -8.78
CA GLU C 658 14.90 34.21 -9.89
C GLU C 658 14.07 33.24 -10.75
N ILE C 659 14.65 32.10 -11.07
CA ILE C 659 13.97 31.08 -11.87
C ILE C 659 12.71 30.58 -11.14
N ALA C 660 12.81 30.42 -9.84
CA ALA C 660 11.69 29.97 -9.03
C ALA C 660 10.53 30.97 -9.14
N GLN C 661 10.84 32.26 -9.11
CA GLN C 661 9.80 33.28 -9.23
C GLN C 661 9.14 33.18 -10.61
N VAL C 662 9.96 32.90 -11.63
CA VAL C 662 9.44 32.77 -12.99
C VAL C 662 8.53 31.54 -13.12
N VAL C 663 8.93 30.44 -12.49
CA VAL C 663 8.12 29.22 -12.52
C VAL C 663 6.77 29.46 -11.86
N ILE C 664 6.77 30.15 -10.73
CA ILE C 664 5.57 30.45 -9.98
C ILE C 664 4.63 31.33 -10.82
N GLU C 665 5.18 32.35 -11.46
CA GLU C 665 4.40 33.27 -12.28
C GLU C 665 3.89 32.58 -13.56
N THR C 666 4.73 31.71 -14.12
CA THR C 666 4.37 30.99 -15.33
C THR C 666 3.25 29.99 -15.06
N ALA C 667 3.28 29.36 -13.89
CA ALA C 667 2.26 28.38 -13.53
C ALA C 667 0.88 29.05 -13.43
N GLN C 668 0.86 30.31 -13.01
CA GLN C 668 -0.40 31.05 -12.89
C GLN C 668 -0.92 31.33 -14.30
N GLU C 669 -0.02 31.75 -15.18
CA GLU C 669 -0.40 32.05 -16.56
C GLU C 669 -0.94 30.78 -17.23
N ALA C 670 -0.27 29.66 -16.99
CA ALA C 670 -0.70 28.40 -17.59
C ALA C 670 -2.10 27.98 -17.11
N MET C 671 -2.40 28.21 -15.83
CA MET C 671 -3.71 27.85 -15.30
C MET C 671 -4.80 28.71 -15.95
N ARG C 672 -4.54 30.01 -16.10
CA ARG C 672 -5.50 30.90 -16.73
C ARG C 672 -5.70 30.47 -18.18
N TRP C 673 -4.62 30.06 -18.84
CA TRP C 673 -4.69 29.60 -20.22
C TRP C 673 -5.58 28.34 -20.29
N VAL C 674 -5.41 27.42 -19.33
CA VAL C 674 -6.23 26.22 -19.29
C VAL C 674 -7.73 26.56 -19.10
N GLY C 675 -8.03 27.50 -18.20
CA GLY C 675 -9.42 27.85 -17.98
C GLY C 675 -10.07 28.41 -19.23
N ASP C 676 -9.33 29.26 -19.93
CA ASP C 676 -9.82 29.87 -21.16
C ASP C 676 -9.94 28.81 -22.25
N HIS C 677 -8.96 27.91 -22.30
CA HIS C 677 -8.94 26.84 -23.30
C HIS C 677 -10.21 25.99 -23.29
N TRP C 678 -10.70 25.65 -22.10
CA TRP C 678 -11.91 24.85 -22.00
C TRP C 678 -13.14 25.67 -21.62
N ASN C 679 -13.09 26.97 -21.88
CA ASN C 679 -14.20 27.88 -21.59
C ASN C 679 -14.82 27.65 -20.21
N PHE C 680 -13.98 27.59 -19.19
CA PHE C 680 -14.46 27.36 -17.83
C PHE C 680 -15.28 28.53 -17.32
N ARG C 681 -16.41 28.22 -16.69
CA ARG C 681 -17.32 29.24 -16.17
C ARG C 681 -16.88 29.78 -14.81
N CYS C 682 -15.75 29.32 -14.31
CA CYS C 682 -15.22 29.81 -13.04
C CYS C 682 -13.74 30.09 -13.26
N LEU C 683 -13.30 31.28 -12.86
CA LEU C 683 -11.91 31.66 -13.01
C LEU C 683 -11.03 30.72 -12.20
N LEU C 684 -9.94 30.25 -12.80
CA LEU C 684 -9.04 29.33 -12.10
C LEU C 684 -7.77 30.07 -11.66
N ASP C 685 -7.25 29.70 -10.50
CA ASP C 685 -6.06 30.33 -9.95
C ASP C 685 -5.11 29.34 -9.30
N THR C 686 -3.91 29.80 -9.00
CA THR C 686 -2.88 29.00 -8.34
C THR C 686 -2.23 29.87 -7.28
N GLU C 687 -1.49 29.22 -6.36
CA GLU C 687 -0.77 29.93 -5.33
C GLU C 687 0.59 29.25 -5.27
N GLY C 688 1.65 30.04 -5.20
CA GLY C 688 2.98 29.47 -5.17
C GLY C 688 3.81 29.98 -4.00
N LYS C 689 4.72 29.13 -3.53
CA LYS C 689 5.62 29.48 -2.43
C LYS C 689 7.02 29.02 -2.81
N MET C 690 8.01 29.80 -2.44
CA MET C 690 9.40 29.48 -2.71
C MET C 690 10.05 29.12 -1.38
N GLY C 691 10.89 28.09 -1.39
CA GLY C 691 11.56 27.67 -0.18
C GLY C 691 12.58 26.59 -0.48
N PRO C 692 13.25 26.05 0.55
CA PRO C 692 14.26 25.01 0.35
C PRO C 692 13.72 23.58 0.25
N ASN C 693 12.56 23.32 0.81
CA ASN C 693 12.00 21.96 0.81
C ASN C 693 10.47 21.92 0.85
N TRP C 694 9.93 20.71 0.82
CA TRP C 694 8.47 20.51 0.82
C TRP C 694 7.76 20.99 2.08
N ALA C 695 8.48 20.96 3.20
CA ALA C 695 7.91 21.42 4.46
C ALA C 695 7.57 22.91 4.36
N ILE C 696 8.51 23.69 3.84
CA ILE C 696 8.32 25.13 3.69
C ILE C 696 7.39 25.49 2.54
N CYS C 697 7.44 24.72 1.46
CA CYS C 697 6.60 24.99 0.29
C CYS C 697 5.22 24.34 0.34
N HIS C 698 4.59 24.31 1.52
CA HIS C 698 3.26 23.71 1.65
C HIS C 698 2.11 24.65 1.27
N LYS D 3 -7.93 -29.46 50.60
CA LYS D 3 -6.50 -29.77 50.88
C LYS D 3 -5.57 -29.30 49.77
N ILE D 4 -6.15 -28.84 48.67
CA ILE D 4 -5.34 -28.36 47.55
C ILE D 4 -4.95 -26.89 47.74
N ILE D 5 -3.68 -26.60 47.58
CA ILE D 5 -3.17 -25.25 47.72
C ILE D 5 -3.29 -24.47 46.41
N HIS D 6 -3.98 -23.34 46.46
CA HIS D 6 -4.17 -22.49 45.29
C HIS D 6 -3.11 -21.40 45.32
N LEU D 7 -2.08 -21.57 44.50
CA LEU D 7 -0.97 -20.65 44.42
C LEU D 7 -1.27 -19.39 43.61
N THR D 8 -0.38 -18.40 43.75
CA THR D 8 -0.46 -17.15 42.99
C THR D 8 0.99 -16.85 42.65
N ASP D 9 1.24 -15.95 41.70
CA ASP D 9 2.61 -15.63 41.36
C ASP D 9 3.38 -15.15 42.59
N ASP D 10 2.74 -14.35 43.43
CA ASP D 10 3.40 -13.81 44.62
C ASP D 10 3.64 -14.77 45.77
N SER D 11 2.87 -15.85 45.85
CA SER D 11 3.06 -16.81 46.95
C SER D 11 3.86 -18.05 46.54
N PHE D 12 4.07 -18.22 45.24
CA PHE D 12 4.79 -19.37 44.72
C PHE D 12 6.13 -19.63 45.40
N ASP D 13 7.00 -18.63 45.40
CA ASP D 13 8.31 -18.78 46.01
C ASP D 13 8.28 -19.37 47.41
N THR D 14 7.44 -18.82 48.30
CA THR D 14 7.37 -19.33 49.66
C THR D 14 6.56 -20.62 49.83
N ASP D 15 5.47 -20.76 49.08
CA ASP D 15 4.65 -21.98 49.21
C ASP D 15 5.23 -23.20 48.54
N VAL D 16 6.09 -22.98 47.54
CA VAL D 16 6.68 -24.09 46.80
C VAL D 16 8.19 -24.22 46.99
N LEU D 17 8.92 -23.24 46.49
CA LEU D 17 10.38 -23.26 46.56
C LEU D 17 10.98 -23.30 47.96
N LYS D 18 10.32 -22.66 48.92
CA LYS D 18 10.84 -22.64 50.27
C LYS D 18 9.99 -23.40 51.27
N ALA D 19 9.33 -24.44 50.79
CA ALA D 19 8.49 -25.28 51.63
C ALA D 19 9.21 -26.58 51.92
N ASP D 20 8.72 -27.33 52.89
CA ASP D 20 9.33 -28.61 53.25
C ASP D 20 8.44 -29.73 52.74
N GLY D 21 9.05 -30.88 52.43
CA GLY D 21 8.29 -32.00 51.93
C GLY D 21 8.09 -31.92 50.43
N ALA D 22 7.41 -32.92 49.87
CA ALA D 22 7.15 -32.95 48.44
C ALA D 22 5.95 -32.08 48.10
N ILE D 23 6.05 -31.36 46.99
CA ILE D 23 4.97 -30.47 46.53
C ILE D 23 4.70 -30.75 45.06
N LEU D 24 3.48 -31.16 44.74
CA LEU D 24 3.11 -31.42 43.35
C LEU D 24 2.36 -30.20 42.84
N VAL D 25 2.91 -29.55 41.83
CA VAL D 25 2.28 -28.36 41.25
C VAL D 25 1.67 -28.62 39.88
N ASP D 26 0.41 -28.24 39.73
CA ASP D 26 -0.29 -28.40 38.47
C ASP D 26 -0.53 -27.05 37.81
N PHE D 27 0.12 -26.83 36.67
CA PHE D 27 -0.05 -25.60 35.90
C PHE D 27 -1.18 -25.90 34.94
N TRP D 28 -2.28 -25.14 35.07
CA TRP D 28 -3.45 -25.35 34.24
C TRP D 28 -4.12 -24.07 33.76
N ALA D 29 -5.13 -24.25 32.91
CA ALA D 29 -5.91 -23.14 32.36
C ALA D 29 -7.35 -23.61 32.20
N GLU D 30 -8.29 -22.69 32.36
CA GLU D 30 -9.71 -23.01 32.27
C GLU D 30 -10.17 -23.50 30.89
N TRP D 31 -9.49 -23.04 29.85
CA TRP D 31 -9.85 -23.41 28.48
C TRP D 31 -9.25 -24.72 27.96
N CYS D 32 -8.53 -25.45 28.80
CA CYS D 32 -7.91 -26.70 28.37
C CYS D 32 -8.75 -27.92 28.75
N GLY D 33 -9.02 -28.80 27.78
CA GLY D 33 -9.81 -29.99 28.03
C GLY D 33 -9.09 -30.96 28.96
N PRO D 34 -7.83 -31.30 28.66
CA PRO D 34 -7.06 -32.22 29.50
C PRO D 34 -6.95 -31.73 30.94
N CYS D 35 -6.77 -30.42 31.13
CA CYS D 35 -6.66 -29.88 32.49
C CYS D 35 -7.92 -30.19 33.29
N LYS D 36 -9.08 -30.02 32.66
CA LYS D 36 -10.35 -30.29 33.32
C LYS D 36 -10.48 -31.78 33.64
N MET D 37 -9.86 -32.62 32.81
CA MET D 37 -9.91 -34.06 33.04
C MET D 37 -9.18 -34.44 34.33
N ILE D 38 -7.93 -33.98 34.45
CA ILE D 38 -7.13 -34.30 35.61
C ILE D 38 -7.54 -33.59 36.90
N ALA D 39 -8.29 -32.50 36.79
CA ALA D 39 -8.72 -31.77 37.97
C ALA D 39 -9.32 -32.69 39.04
N PRO D 40 -10.37 -33.45 38.69
CA PRO D 40 -10.99 -34.36 39.66
C PRO D 40 -10.00 -35.34 40.27
N ILE D 41 -9.09 -35.85 39.45
CA ILE D 41 -8.08 -36.79 39.92
C ILE D 41 -7.20 -36.16 40.99
N LEU D 42 -6.80 -34.91 40.78
CA LEU D 42 -5.96 -34.22 41.74
C LEU D 42 -6.62 -34.05 43.11
N ASP D 43 -7.94 -33.85 43.12
CA ASP D 43 -8.67 -33.70 44.37
C ASP D 43 -8.55 -34.97 45.22
N GLU D 44 -8.62 -36.12 44.57
CA GLU D 44 -8.53 -37.41 45.25
C GLU D 44 -7.10 -37.72 45.70
N ILE D 45 -6.12 -37.25 44.93
CA ILE D 45 -4.72 -37.47 45.26
C ILE D 45 -4.33 -36.66 46.50
N ALA D 46 -4.90 -35.46 46.62
CA ALA D 46 -4.61 -34.61 47.76
C ALA D 46 -5.05 -35.28 49.06
N ASP D 47 -6.13 -36.03 49.00
CA ASP D 47 -6.64 -36.74 50.18
C ASP D 47 -5.79 -37.94 50.54
N GLU D 48 -5.56 -38.82 49.57
CA GLU D 48 -4.77 -40.03 49.77
C GLU D 48 -3.38 -39.73 50.35
N TYR D 49 -2.58 -38.97 49.61
CA TYR D 49 -1.23 -38.64 50.05
C TYR D 49 -1.21 -37.49 51.05
N GLN D 50 -2.35 -37.27 51.70
CA GLN D 50 -2.50 -36.22 52.68
C GLN D 50 -1.40 -36.18 53.72
N GLY D 51 -0.56 -37.22 53.75
CA GLY D 51 0.51 -37.25 54.72
C GLY D 51 1.87 -36.83 54.21
N LYS D 52 2.32 -37.45 53.11
CA LYS D 52 3.64 -37.15 52.57
C LYS D 52 3.66 -36.34 51.28
N LEU D 53 2.55 -35.70 50.95
CA LEU D 53 2.51 -34.90 49.73
C LEU D 53 1.52 -33.76 49.79
N THR D 54 1.95 -32.60 49.29
CA THR D 54 1.10 -31.42 49.22
C THR D 54 0.81 -31.17 47.75
N VAL D 55 -0.46 -30.98 47.40
CA VAL D 55 -0.84 -30.73 46.02
C VAL D 55 -1.28 -29.28 45.84
N ALA D 56 -0.63 -28.59 44.90
CA ALA D 56 -0.93 -27.20 44.62
C ALA D 56 -1.24 -26.96 43.15
N LYS D 57 -2.03 -25.92 42.90
CA LYS D 57 -2.42 -25.57 41.54
C LYS D 57 -2.12 -24.10 41.24
N LEU D 58 -1.67 -23.84 40.01
CA LEU D 58 -1.38 -22.49 39.58
C LEU D 58 -2.04 -22.26 38.22
N ASN D 59 -3.04 -21.39 38.21
CA ASN D 59 -3.74 -21.05 36.98
C ASN D 59 -2.85 -20.08 36.22
N ILE D 60 -2.36 -20.51 35.06
CA ILE D 60 -1.46 -19.68 34.25
C ILE D 60 -2.06 -18.39 33.68
N ASP D 61 -3.38 -18.30 33.59
CA ASP D 61 -4.01 -17.08 33.08
C ASP D 61 -4.07 -16.02 34.17
N GLN D 62 -4.39 -16.43 35.39
CA GLN D 62 -4.48 -15.49 36.51
C GLN D 62 -3.10 -15.16 37.08
N ASN D 63 -2.13 -16.03 36.83
CA ASN D 63 -0.76 -15.85 37.33
C ASN D 63 0.21 -16.14 36.19
N PRO D 64 0.39 -15.18 35.27
CA PRO D 64 1.26 -15.25 34.11
C PRO D 64 2.78 -15.22 34.31
N GLY D 65 3.24 -14.85 35.49
CA GLY D 65 4.67 -14.78 35.72
C GLY D 65 5.45 -16.06 35.98
N THR D 66 4.84 -17.03 36.66
CA THR D 66 5.55 -18.26 37.02
C THR D 66 5.85 -19.30 35.93
N ALA D 67 4.83 -19.71 35.18
CA ALA D 67 5.01 -20.73 34.14
C ALA D 67 6.22 -20.54 33.25
N PRO D 68 6.42 -19.32 32.71
CA PRO D 68 7.56 -19.05 31.81
C PRO D 68 8.90 -19.47 32.39
N LYS D 69 9.04 -19.36 33.72
CA LYS D 69 10.28 -19.71 34.37
C LYS D 69 10.63 -21.19 34.27
N TYR D 70 9.63 -22.02 33.98
CA TYR D 70 9.86 -23.45 33.89
C TYR D 70 9.71 -23.99 32.47
N GLY D 71 9.63 -23.07 31.51
CA GLY D 71 9.50 -23.45 30.11
C GLY D 71 8.31 -24.33 29.77
N ILE D 72 7.13 -23.94 30.25
CA ILE D 72 5.92 -24.70 29.97
C ILE D 72 5.68 -24.74 28.45
N ARG D 73 5.39 -25.91 27.93
CA ARG D 73 5.15 -26.07 26.50
C ARG D 73 3.79 -26.73 26.27
N GLY D 74 3.18 -27.20 27.35
CA GLY D 74 1.88 -27.83 27.26
C GLY D 74 1.22 -27.91 28.61
N ILE D 75 -0.09 -28.09 28.64
CA ILE D 75 -0.81 -28.20 29.89
C ILE D 75 -1.80 -29.36 29.82
N PRO D 76 -2.10 -30.01 30.95
CA PRO D 76 -1.57 -29.70 32.28
C PRO D 76 -0.13 -30.18 32.51
N THR D 77 0.67 -29.33 33.15
CA THR D 77 2.03 -29.70 33.46
C THR D 77 2.12 -29.93 34.96
N LEU D 78 2.61 -31.11 35.34
CA LEU D 78 2.75 -31.47 36.74
C LEU D 78 4.22 -31.47 37.12
N LEU D 79 4.59 -30.56 38.02
CA LEU D 79 5.96 -30.45 38.49
C LEU D 79 6.04 -30.87 39.94
N LEU D 80 6.92 -31.84 40.21
CA LEU D 80 7.11 -32.33 41.57
C LEU D 80 8.33 -31.63 42.14
N PHE D 81 8.10 -30.79 43.16
CA PHE D 81 9.18 -30.05 43.80
C PHE D 81 9.64 -30.71 45.08
N LYS D 82 10.94 -30.64 45.33
CA LYS D 82 11.53 -31.22 46.52
C LYS D 82 12.68 -30.33 46.98
N ASN D 83 12.49 -29.68 48.13
CA ASN D 83 13.49 -28.78 48.68
C ASN D 83 13.86 -27.63 47.75
N GLY D 84 12.83 -27.00 47.18
CA GLY D 84 13.04 -25.86 46.31
C GLY D 84 13.46 -26.16 44.88
N GLU D 85 13.39 -27.41 44.47
CA GLU D 85 13.79 -27.77 43.11
C GLU D 85 12.90 -28.83 42.46
N VAL D 86 12.83 -28.76 41.13
CA VAL D 86 12.03 -29.71 40.37
C VAL D 86 12.70 -31.07 40.40
N ALA D 87 12.01 -32.05 40.98
CA ALA D 87 12.54 -33.40 41.06
C ALA D 87 12.13 -34.20 39.84
N ALA D 88 10.85 -34.15 39.51
CA ALA D 88 10.31 -34.86 38.37
C ALA D 88 9.26 -34.01 37.66
N THR D 89 9.00 -34.34 36.40
CA THR D 89 8.01 -33.61 35.62
C THR D 89 7.27 -34.47 34.59
N LYS D 90 5.97 -34.27 34.51
CA LYS D 90 5.14 -35.01 33.57
C LYS D 90 4.06 -34.09 33.01
N VAL D 91 3.83 -34.16 31.70
CA VAL D 91 2.84 -33.33 31.03
C VAL D 91 1.69 -34.19 30.51
N GLY D 92 0.45 -33.79 30.79
CA GLY D 92 -0.69 -34.55 30.32
C GLY D 92 -1.69 -34.96 31.37
N ALA D 93 -2.88 -35.32 30.91
CA ALA D 93 -3.97 -35.75 31.78
C ALA D 93 -3.79 -37.20 32.23
N LEU D 94 -2.86 -37.43 33.14
CA LEU D 94 -2.62 -38.78 33.65
C LEU D 94 -3.88 -39.30 34.33
N SER D 95 -4.00 -40.62 34.41
CA SER D 95 -5.17 -41.23 35.06
C SER D 95 -4.84 -41.39 36.53
N LYS D 96 -5.86 -41.69 37.32
CA LYS D 96 -5.70 -41.89 38.76
C LYS D 96 -4.51 -42.82 39.01
N GLY D 97 -4.54 -43.99 38.39
CA GLY D 97 -3.49 -44.98 38.57
C GLY D 97 -2.12 -44.50 38.14
N GLN D 98 -2.04 -43.91 36.95
CA GLN D 98 -0.78 -43.40 36.43
C GLN D 98 -0.15 -42.39 37.38
N LEU D 99 -0.97 -41.49 37.91
CA LEU D 99 -0.47 -40.47 38.82
C LEU D 99 0.10 -41.17 40.05
N LYS D 100 -0.68 -42.09 40.60
CA LYS D 100 -0.27 -42.85 41.79
C LYS D 100 1.13 -43.42 41.59
N GLU D 101 1.34 -44.13 40.50
CA GLU D 101 2.64 -44.73 40.20
C GLU D 101 3.73 -43.67 40.12
N PHE D 102 3.40 -42.52 39.52
CA PHE D 102 4.36 -41.43 39.39
C PHE D 102 4.82 -40.94 40.75
N LEU D 103 3.84 -40.69 41.62
CA LEU D 103 4.13 -40.21 42.98
C LEU D 103 4.92 -41.25 43.77
N ASP D 104 4.41 -42.48 43.79
CA ASP D 104 5.07 -43.56 44.53
C ASP D 104 6.53 -43.70 44.10
N ALA D 105 6.75 -43.82 42.79
CA ALA D 105 8.09 -43.99 42.25
C ALA D 105 9.01 -42.80 42.47
N ASN D 106 8.44 -41.65 42.81
CA ASN D 106 9.26 -40.45 43.03
C ASN D 106 9.29 -39.96 44.48
N LEU D 107 8.40 -40.49 45.31
CA LEU D 107 8.35 -40.10 46.72
C LEU D 107 9.34 -40.91 47.55
MG MG E . 9.47 -3.59 -24.50
S SO4 F . 16.12 14.34 -21.48
O1 SO4 F . 16.33 14.15 -20.05
O2 SO4 F . 17.42 14.42 -22.16
O3 SO4 F . 15.37 15.60 -21.71
O4 SO4 F . 15.34 13.21 -22.02
S SO4 G . -11.83 -6.23 -23.90
O1 SO4 G . -13.07 -6.98 -24.21
O2 SO4 G . -12.17 -4.86 -23.49
O3 SO4 G . -10.98 -6.19 -25.11
O4 SO4 G . -11.10 -6.90 -22.80
O1 MES H . 31.57 10.38 -34.22
C2 MES H . 31.22 9.69 -33.00
C3 MES H . 30.66 8.29 -33.29
N4 MES H . 29.51 8.39 -34.23
C5 MES H . 29.88 9.11 -35.46
C6 MES H . 30.45 10.49 -35.11
C7 MES H . 28.97 7.04 -34.52
C8 MES H . 27.82 6.97 -35.51
S MES H . 27.06 5.38 -35.55
O1S MES H . 26.60 5.20 -36.93
O2S MES H . 25.96 5.39 -34.63
O3S MES H . 28.09 4.39 -35.22
OH2 1PE I . 11.00 -5.86 -13.64
C12 1PE I . 9.96 -5.47 -14.60
C22 1PE I . 10.28 -4.07 -15.21
OH3 1PE I . 9.49 -3.97 -16.44
C13 1PE I . 10.29 -3.14 -18.47
C23 1PE I . 9.71 -2.68 -17.15
OH4 1PE I . 11.74 -3.18 -18.29
C14 1PE I . 13.90 -3.65 -19.32
C24 1PE I . 12.42 -3.63 -19.53
OH5 1PE I . 14.19 -4.93 -18.79
C15 1PE I . 15.93 -6.36 -17.99
C25 1PE I . 15.61 -5.02 -18.55
OH6 1PE I . 15.24 -6.47 -16.73
C16 1PE I . 15.06 -7.14 -14.47
C26 1PE I . 15.97 -6.58 -15.50
OH7 1PE I . 13.95 -6.24 -14.33
#